data_4HLR
# 
_entry.id   4HLR 
# 
_audit_conform.dict_name       mmcif_pdbx.dic 
_audit_conform.dict_version    5.379 
_audit_conform.dict_location   http://mmcif.pdb.org/dictionaries/ascii/mmcif_pdbx.dic 
# 
loop_
_database_2.database_id 
_database_2.database_code 
_database_2.pdbx_database_accession 
_database_2.pdbx_DOI 
PDB   4HLR         pdb_00004hlr 10.2210/pdb4hlr/pdb 
RCSB  RCSB075624   ?            ?                   
WWPDB D_1000075624 ?            ?                   
# 
loop_
_pdbx_database_related.db_name 
_pdbx_database_related.db_id 
_pdbx_database_related.details 
_pdbx_database_related.content_type 
PDB 3U91 . unspecified 
PDB 3UIA . unspecified 
# 
_pdbx_database_status.status_code                     REL 
_pdbx_database_status.entry_id                        4HLR 
_pdbx_database_status.recvd_initial_deposition_date   2012-10-17 
_pdbx_database_status.deposit_site                    RCSB 
_pdbx_database_status.process_site                    RCSB 
_pdbx_database_status.status_code_sf                  REL 
_pdbx_database_status.status_code_mr                  ? 
_pdbx_database_status.SG_entry                        ? 
_pdbx_database_status.status_code_cs                  ? 
_pdbx_database_status.methods_development_category    ? 
_pdbx_database_status.pdb_format_compatible           Y 
_pdbx_database_status.status_code_nmr_data            ? 
# 
loop_
_audit_author.name 
_audit_author.pdbx_ordinal 
'Liu, J.' 1 
'Lu, M.'  2 
# 
_citation.id                        primary 
_citation.title                     'Structural Determinants of Trimerization Specificity in HIV-1 gp41 Protein' 
_citation.journal_abbrev            'To be Published' 
_citation.journal_volume            ? 
_citation.page_first                ? 
_citation.page_last                 ? 
_citation.year                      ? 
_citation.journal_id_ASTM           ? 
_citation.country                   ? 
_citation.journal_id_ISSN           ? 
_citation.journal_id_CSD            0353 
_citation.book_publisher            ? 
_citation.pdbx_database_id_PubMed   ? 
_citation.pdbx_database_id_DOI      ? 
# 
loop_
_citation_author.citation_id 
_citation_author.name 
_citation_author.ordinal 
_citation_author.identifier_ORCID 
primary 'Liu, J.'     1 ? 
primary 'Li, Q.'      2 ? 
primary 'Dey, A.K.'   3 ? 
primary 'Moore, J.P.' 4 ? 
primary 'Lu, M.'      5 ? 
# 
_cell.entry_id           4HLR 
_cell.length_a           45.347 
_cell.length_b           45.347 
_cell.length_c           42.091 
_cell.angle_alpha        90.00 
_cell.angle_beta         90.00 
_cell.angle_gamma        120.00 
_cell.Z_PDB              6 
_cell.pdbx_unique_axis   ? 
_cell.length_a_esd       ? 
_cell.length_b_esd       ? 
_cell.length_c_esd       ? 
_cell.angle_alpha_esd    ? 
_cell.angle_beta_esd     ? 
_cell.angle_gamma_esd    ? 
# 
_symmetry.entry_id                         4HLR 
_symmetry.space_group_name_H-M             'P 3 2 1' 
_symmetry.pdbx_full_space_group_name_H-M   ? 
_symmetry.cell_setting                     ? 
_symmetry.Int_Tables_number                150 
_symmetry.space_group_name_Hall            ? 
# 
loop_
_entity.id 
_entity.type 
_entity.src_method 
_entity.pdbx_description 
_entity.formula_weight 
_entity.pdbx_number_of_molecules 
_entity.pdbx_ec 
_entity.pdbx_mutation 
_entity.pdbx_fragment 
_entity.details 
1 polymer     man Gp41            3936.581 1  ? 'I14L, L17I' 'N-TERMINAL DOMAIN' ? 
2 non-polymer syn HEXANE-1,6-DIOL 118.174  1  ? ?            ?                   ? 
3 water       nat water           18.015   47 ? ?            ?                   ? 
# 
_entity_poly.entity_id                      1 
_entity_poly.type                           'polypeptide(L)' 
_entity_poly.nstd_linkage                   no 
_entity_poly.nstd_monomer                   no 
_entity_poly.pdbx_seq_one_letter_code       EAQQHLLQLTVWGLKQIQARILAVERYLKDQQL 
_entity_poly.pdbx_seq_one_letter_code_can   EAQQHLLQLTVWGLKQIQARILAVERYLKDQQL 
_entity_poly.pdbx_strand_id                 A 
_entity_poly.pdbx_target_identifier         ? 
# 
loop_
_entity_poly_seq.entity_id 
_entity_poly_seq.num 
_entity_poly_seq.mon_id 
_entity_poly_seq.hetero 
1 1  GLU n 
1 2  ALA n 
1 3  GLN n 
1 4  GLN n 
1 5  HIS n 
1 6  LEU n 
1 7  LEU n 
1 8  GLN n 
1 9  LEU n 
1 10 THR n 
1 11 VAL n 
1 12 TRP n 
1 13 GLY n 
1 14 LEU n 
1 15 LYS n 
1 16 GLN n 
1 17 ILE n 
1 18 GLN n 
1 19 ALA n 
1 20 ARG n 
1 21 ILE n 
1 22 LEU n 
1 23 ALA n 
1 24 VAL n 
1 25 GLU n 
1 26 ARG n 
1 27 TYR n 
1 28 LEU n 
1 29 LYS n 
1 30 ASP n 
1 31 GLN n 
1 32 GLN n 
1 33 LEU n 
# 
_entity_src_gen.entity_id                          1 
_entity_src_gen.pdbx_src_id                        1 
_entity_src_gen.pdbx_alt_source_flag               sample 
_entity_src_gen.pdbx_seq_type                      ? 
_entity_src_gen.pdbx_beg_seq_num                   ? 
_entity_src_gen.pdbx_end_seq_num                   ? 
_entity_src_gen.gene_src_common_name               ? 
_entity_src_gen.gene_src_genus                     ? 
_entity_src_gen.pdbx_gene_src_gene                 env 
_entity_src_gen.gene_src_species                   ? 
_entity_src_gen.gene_src_strain                    ? 
_entity_src_gen.gene_src_tissue                    ? 
_entity_src_gen.gene_src_tissue_fraction           ? 
_entity_src_gen.gene_src_details                   ? 
_entity_src_gen.pdbx_gene_src_fragment             ? 
_entity_src_gen.pdbx_gene_src_scientific_name      'Human immunodeficiency virus 1' 
_entity_src_gen.pdbx_gene_src_ncbi_taxonomy_id     11676 
_entity_src_gen.pdbx_gene_src_variant              ? 
_entity_src_gen.pdbx_gene_src_cell_line            ? 
_entity_src_gen.pdbx_gene_src_atcc                 ? 
_entity_src_gen.pdbx_gene_src_organ                ? 
_entity_src_gen.pdbx_gene_src_organelle            ? 
_entity_src_gen.pdbx_gene_src_cell                 ? 
_entity_src_gen.pdbx_gene_src_cellular_location    ? 
_entity_src_gen.host_org_common_name               ? 
_entity_src_gen.pdbx_host_org_scientific_name      'Escherichia coli' 
_entity_src_gen.pdbx_host_org_ncbi_taxonomy_id     562 
_entity_src_gen.host_org_genus                     ? 
_entity_src_gen.pdbx_host_org_gene                 ? 
_entity_src_gen.pdbx_host_org_organ                ? 
_entity_src_gen.host_org_species                   ? 
_entity_src_gen.pdbx_host_org_tissue               ? 
_entity_src_gen.pdbx_host_org_tissue_fraction      ? 
_entity_src_gen.pdbx_host_org_strain               ? 
_entity_src_gen.pdbx_host_org_variant              ? 
_entity_src_gen.pdbx_host_org_cell_line            ? 
_entity_src_gen.pdbx_host_org_atcc                 ? 
_entity_src_gen.pdbx_host_org_culture_collection   ? 
_entity_src_gen.pdbx_host_org_cell                 ? 
_entity_src_gen.pdbx_host_org_organelle            ? 
_entity_src_gen.pdbx_host_org_cellular_location    ? 
_entity_src_gen.pdbx_host_org_vector_type          ? 
_entity_src_gen.pdbx_host_org_vector               ? 
_entity_src_gen.host_org_details                   ? 
_entity_src_gen.expression_system_id               ? 
_entity_src_gen.plasmid_name                       ? 
_entity_src_gen.plasmid_details                    ? 
_entity_src_gen.pdbx_description                   ? 
# 
_struct_ref.id                         1 
_struct_ref.db_name                    UNP 
_struct_ref.db_code                    Q9YYZ1_9HIV1 
_struct_ref.pdbx_db_accession          Q9YYZ1 
_struct_ref.entity_id                  1 
_struct_ref.pdbx_seq_one_letter_code   EAQQHLLQLTVWGIKQLQARILAVERYLKDQQL 
_struct_ref.pdbx_align_begin           7 
_struct_ref.pdbx_db_isoform            ? 
# 
_struct_ref_seq.align_id                      1 
_struct_ref_seq.ref_id                        1 
_struct_ref_seq.pdbx_PDB_id_code              4HLR 
_struct_ref_seq.pdbx_strand_id                A 
_struct_ref_seq.seq_align_beg                 1 
_struct_ref_seq.pdbx_seq_align_beg_ins_code   ? 
_struct_ref_seq.seq_align_end                 33 
_struct_ref_seq.pdbx_seq_align_end_ins_code   ? 
_struct_ref_seq.pdbx_db_accession             Q9YYZ1 
_struct_ref_seq.db_align_beg                  7 
_struct_ref_seq.pdbx_db_align_beg_ins_code    ? 
_struct_ref_seq.db_align_end                  39 
_struct_ref_seq.pdbx_db_align_end_ins_code    ? 
_struct_ref_seq.pdbx_auth_seq_align_beg       1 
_struct_ref_seq.pdbx_auth_seq_align_end       33 
# 
loop_
_struct_ref_seq_dif.align_id 
_struct_ref_seq_dif.pdbx_pdb_id_code 
_struct_ref_seq_dif.mon_id 
_struct_ref_seq_dif.pdbx_pdb_strand_id 
_struct_ref_seq_dif.seq_num 
_struct_ref_seq_dif.pdbx_pdb_ins_code 
_struct_ref_seq_dif.pdbx_seq_db_name 
_struct_ref_seq_dif.pdbx_seq_db_accession_code 
_struct_ref_seq_dif.db_mon_id 
_struct_ref_seq_dif.pdbx_seq_db_seq_num 
_struct_ref_seq_dif.details 
_struct_ref_seq_dif.pdbx_auth_seq_num 
_struct_ref_seq_dif.pdbx_ordinal 
1 4HLR LEU A 14 ? UNP Q9YYZ1 ILE 20 'engineered mutation' 14 1 
1 4HLR ILE A 17 ? UNP Q9YYZ1 LEU 23 'engineered mutation' 17 2 
# 
loop_
_chem_comp.id 
_chem_comp.type 
_chem_comp.mon_nstd_flag 
_chem_comp.name 
_chem_comp.pdbx_synonyms 
_chem_comp.formula 
_chem_comp.formula_weight 
ALA 'L-peptide linking' y ALANINE         ? 'C3 H7 N O2'     89.093  
ARG 'L-peptide linking' y ARGININE        ? 'C6 H15 N4 O2 1' 175.209 
ASP 'L-peptide linking' y 'ASPARTIC ACID' ? 'C4 H7 N O4'     133.103 
GLN 'L-peptide linking' y GLUTAMINE       ? 'C5 H10 N2 O3'   146.144 
GLU 'L-peptide linking' y 'GLUTAMIC ACID' ? 'C5 H9 N O4'     147.129 
GLY 'peptide linking'   y GLYCINE         ? 'C2 H5 N O2'     75.067  
HEZ non-polymer         . HEXANE-1,6-DIOL ? 'C6 H14 O2'      118.174 
HIS 'L-peptide linking' y HISTIDINE       ? 'C6 H10 N3 O2 1' 156.162 
HOH non-polymer         . WATER           ? 'H2 O'           18.015  
ILE 'L-peptide linking' y ISOLEUCINE      ? 'C6 H13 N O2'    131.173 
LEU 'L-peptide linking' y LEUCINE         ? 'C6 H13 N O2'    131.173 
LYS 'L-peptide linking' y LYSINE          ? 'C6 H15 N2 O2 1' 147.195 
THR 'L-peptide linking' y THREONINE       ? 'C4 H9 N O3'     119.119 
TRP 'L-peptide linking' y TRYPTOPHAN      ? 'C11 H12 N2 O2'  204.225 
TYR 'L-peptide linking' y TYROSINE        ? 'C9 H11 N O3'    181.189 
VAL 'L-peptide linking' y VALINE          ? 'C5 H11 N O2'    117.146 
# 
_exptl.entry_id          4HLR 
_exptl.method            'X-RAY DIFFRACTION' 
_exptl.crystals_number   1 
# 
_exptl_crystal.id                    1 
_exptl_crystal.density_meas          ? 
_exptl_crystal.density_Matthews      3.17 
_exptl_crystal.density_percent_sol   61.24 
_exptl_crystal.description           ? 
_exptl_crystal.F_000                 ? 
_exptl_crystal.preparation           ? 
# 
_exptl_crystal_grow.crystal_id      1 
_exptl_crystal_grow.method          'VAPOR DIFFUSION, HANGING DROP' 
_exptl_crystal_grow.temp            298 
_exptl_crystal_grow.temp_details    ? 
_exptl_crystal_grow.pH              5.6 
_exptl_crystal_grow.pdbx_details    
'2.5M 1,6-Hexanediol, 0.1M Sodium Citrate, pH 5.6, VAPOR DIFFUSION, HANGING DROP, temperature 298K' 
_exptl_crystal_grow.pdbx_pH_range   ? 
# 
_diffrn.id                     1 
_diffrn.ambient_temp           100 
_diffrn.ambient_temp_details   ? 
_diffrn.crystal_id             1 
# 
_diffrn_detector.diffrn_id              1 
_diffrn_detector.detector               CCD 
_diffrn_detector.type                   'MAR CCD 165 mm' 
_diffrn_detector.pdbx_collection_date   2012-03-27 
_diffrn_detector.details                ? 
# 
_diffrn_radiation.diffrn_id                        1 
_diffrn_radiation.wavelength_id                    1 
_diffrn_radiation.pdbx_monochromatic_or_laue_m_l   M 
_diffrn_radiation.monochromator                    ? 
_diffrn_radiation.pdbx_diffrn_protocol             'SINGLE WAVELENGTH' 
_diffrn_radiation.pdbx_scattering_type             x-ray 
# 
_diffrn_radiation_wavelength.id           1 
_diffrn_radiation_wavelength.wavelength   0.97907 
_diffrn_radiation_wavelength.wt           1.0 
# 
_diffrn_source.diffrn_id                   1 
_diffrn_source.source                      SYNCHROTRON 
_diffrn_source.type                        'NSLS BEAMLINE X4C' 
_diffrn_source.pdbx_synchrotron_site       NSLS 
_diffrn_source.pdbx_synchrotron_beamline   X4C 
_diffrn_source.pdbx_wavelength             ? 
_diffrn_source.pdbx_wavelength_list        0.97907 
# 
_reflns.entry_id                     4HLR 
_reflns.observed_criterion_sigma_I   ? 
_reflns.observed_criterion_sigma_F   ? 
_reflns.d_resolution_low             42.1 
_reflns.d_resolution_high            1.57 
_reflns.number_obs                   6325 
_reflns.number_all                   6325 
_reflns.percent_possible_obs         87.9 
_reflns.pdbx_Rmerge_I_obs            0.047 
_reflns.pdbx_Rsym_value              ? 
_reflns.pdbx_netI_over_sigmaI        15.9 
_reflns.B_iso_Wilson_estimate        21.1 
_reflns.pdbx_redundancy              6.8 
_reflns.R_free_details               ? 
_reflns.limit_h_max                  ? 
_reflns.limit_h_min                  ? 
_reflns.limit_k_max                  ? 
_reflns.limit_k_min                  ? 
_reflns.limit_l_max                  ? 
_reflns.limit_l_min                  ? 
_reflns.observed_criterion_F_max     ? 
_reflns.observed_criterion_F_min     ? 
_reflns.pdbx_chi_squared             ? 
_reflns.pdbx_scaling_rejects         ? 
_reflns.pdbx_ordinal                 1 
_reflns.pdbx_diffrn_id               1 
# 
_reflns_shell.d_res_high             1.57 
_reflns_shell.d_res_low              1.63 
_reflns_shell.percent_possible_all   96.2 
_reflns_shell.Rmerge_I_obs           0.321 
_reflns_shell.pdbx_Rsym_value        ? 
_reflns_shell.meanI_over_sigI_obs    5.6 
_reflns_shell.pdbx_redundancy        5.8 
_reflns_shell.percent_possible_obs   ? 
_reflns_shell.number_unique_all      692 
_reflns_shell.number_measured_all    ? 
_reflns_shell.number_measured_obs    ? 
_reflns_shell.number_unique_obs      ? 
_reflns_shell.pdbx_chi_squared       ? 
_reflns_shell.pdbx_ordinal           1 
_reflns_shell.pdbx_diffrn_id         1 
# 
_refine.entry_id                                 4HLR 
_refine.ls_number_reflns_obs                     6325 
_refine.ls_number_reflns_all                     6325 
_refine.pdbx_ls_sigma_I                          ? 
_refine.pdbx_ls_sigma_F                          ? 
_refine.pdbx_data_cutoff_high_absF               ? 
_refine.pdbx_data_cutoff_low_absF                ? 
_refine.pdbx_data_cutoff_high_rms_absF           ? 
_refine.ls_d_res_low                             42.09 
_refine.ls_d_res_high                            1.57 
_refine.ls_percent_reflns_obs                    87.9 
_refine.ls_R_factor_obs                          0.19786 
_refine.ls_R_factor_all                          ? 
_refine.ls_R_factor_R_work                       0.19355 
_refine.ls_R_factor_R_free                       0.24003 
_refine.ls_R_factor_R_free_error                 ? 
_refine.ls_R_factor_R_free_error_details         ? 
_refine.ls_percent_reflns_R_free                 9.5 
_refine.ls_number_reflns_R_free                  604 
_refine.ls_number_parameters                     ? 
_refine.ls_number_restraints                     ? 
_refine.occupancy_min                            ? 
_refine.occupancy_max                            ? 
_refine.correlation_coeff_Fo_to_Fc               0.958 
_refine.correlation_coeff_Fo_to_Fc_free          0.936 
_refine.B_iso_mean                               28.957 
_refine.aniso_B[1][1]                            1.60 
_refine.aniso_B[2][2]                            1.60 
_refine.aniso_B[3][3]                            -2.39 
_refine.aniso_B[1][2]                            0.80 
_refine.aniso_B[1][3]                            0.00 
_refine.aniso_B[2][3]                            0.00 
_refine.solvent_model_details                    'BABINET MODEL WITH MASK' 
_refine.solvent_model_param_ksol                 ? 
_refine.solvent_model_param_bsol                 ? 
_refine.pdbx_solvent_vdw_probe_radii             1.20 
_refine.pdbx_solvent_ion_probe_radii             0.80 
_refine.pdbx_solvent_shrinkage_radii             0.80 
_refine.pdbx_ls_cross_valid_method               THROUGHOUT 
_refine.details                                  ? 
_refine.pdbx_starting_model                      'PDB ENTRY 3U91' 
_refine.pdbx_method_to_determine_struct          'MOLECULAR REPLACEMENT' 
_refine.pdbx_isotropic_thermal_model             Isotropic 
_refine.pdbx_stereochemistry_target_values       'MAXIMUM LIKELIHOOD' 
_refine.pdbx_stereochem_target_val_spec_case     ? 
_refine.pdbx_R_Free_selection_details            RANDOM 
_refine.pdbx_overall_ESU_R                       0.088 
_refine.pdbx_overall_ESU_R_Free                  0.097 
_refine.overall_SU_ML                            0.057 
_refine.pdbx_overall_phase_error                 ? 
_refine.overall_SU_B                             3.149 
_refine.overall_SU_R_Cruickshank_DPI             ? 
_refine.ls_redundancy_reflns_obs                 ? 
_refine.B_iso_min                                ? 
_refine.B_iso_max                                ? 
_refine.overall_SU_R_free                        ? 
_refine.ls_wR_factor_R_free                      ? 
_refine.ls_wR_factor_R_work                      ? 
_refine.overall_FOM_free_R_set                   ? 
_refine.overall_FOM_work_R_set                   ? 
_refine.pdbx_diffrn_id                           1 
_refine.pdbx_refine_id                           'X-RAY DIFFRACTION' 
_refine.pdbx_TLS_residual_ADP_flag               ? 
_refine.pdbx_overall_SU_R_free_Cruickshank_DPI   ? 
_refine.pdbx_overall_SU_R_Blow_DPI               ? 
_refine.pdbx_overall_SU_R_free_Blow_DPI          ? 
# 
_refine_hist.pdbx_refine_id                   'X-RAY DIFFRACTION' 
_refine_hist.cycle_id                         LAST 
_refine_hist.pdbx_number_atoms_protein        264 
_refine_hist.pdbx_number_atoms_nucleic_acid   0 
_refine_hist.pdbx_number_atoms_ligand         8 
_refine_hist.number_atoms_solvent             47 
_refine_hist.number_atoms_total               319 
_refine_hist.d_res_high                       1.57 
_refine_hist.d_res_low                        42.09 
# 
loop_
_refine_ls_restr.type 
_refine_ls_restr.dev_ideal 
_refine_ls_restr.dev_ideal_target 
_refine_ls_restr.weight 
_refine_ls_restr.number 
_refine_ls_restr.pdbx_restraint_function 
_refine_ls_restr.pdbx_refine_id 
r_bond_refined_d             0.021  0.020  ? 274 ? 'X-RAY DIFFRACTION' 
r_bond_other_d               ?      ?      ? ?   ? 'X-RAY DIFFRACTION' 
r_angle_refined_deg          2.313  1.982  ? 366 ? 'X-RAY DIFFRACTION' 
r_angle_other_deg            ?      ?      ? ?   ? 'X-RAY DIFFRACTION' 
r_dihedral_angle_1_deg       5.276  5.000  ? 30  ? 'X-RAY DIFFRACTION' 
r_dihedral_angle_2_deg       39.985 25.000 ? 14  ? 'X-RAY DIFFRACTION' 
r_dihedral_angle_3_deg       18.081 15.000 ? 55  ? 'X-RAY DIFFRACTION' 
r_dihedral_angle_4_deg       5.421  15.000 ? 2   ? 'X-RAY DIFFRACTION' 
r_chiral_restr               0.147  0.200  ? 42  ? 'X-RAY DIFFRACTION' 
r_gen_planes_refined         0.013  0.020  ? 194 ? 'X-RAY DIFFRACTION' 
r_gen_planes_other           ?      ?      ? ?   ? 'X-RAY DIFFRACTION' 
r_nbd_refined                ?      ?      ? ?   ? 'X-RAY DIFFRACTION' 
r_nbd_other                  ?      ?      ? ?   ? 'X-RAY DIFFRACTION' 
r_nbtor_refined              ?      ?      ? ?   ? 'X-RAY DIFFRACTION' 
r_nbtor_other                ?      ?      ? ?   ? 'X-RAY DIFFRACTION' 
r_xyhbond_nbd_refined        ?      ?      ? ?   ? 'X-RAY DIFFRACTION' 
r_xyhbond_nbd_other          ?      ?      ? ?   ? 'X-RAY DIFFRACTION' 
r_metal_ion_refined          ?      ?      ? ?   ? 'X-RAY DIFFRACTION' 
r_metal_ion_other            ?      ?      ? ?   ? 'X-RAY DIFFRACTION' 
r_symmetry_vdw_refined       ?      ?      ? ?   ? 'X-RAY DIFFRACTION' 
r_symmetry_vdw_other         ?      ?      ? ?   ? 'X-RAY DIFFRACTION' 
r_symmetry_hbond_refined     ?      ?      ? ?   ? 'X-RAY DIFFRACTION' 
r_symmetry_hbond_other       ?      ?      ? ?   ? 'X-RAY DIFFRACTION' 
r_symmetry_metal_ion_refined ?      ?      ? ?   ? 'X-RAY DIFFRACTION' 
r_symmetry_metal_ion_other   ?      ?      ? ?   ? 'X-RAY DIFFRACTION' 
r_mcbond_it                  ?      ?      ? ?   ? 'X-RAY DIFFRACTION' 
r_mcbond_other               ?      ?      ? ?   ? 'X-RAY DIFFRACTION' 
r_mcangle_it                 ?      ?      ? ?   ? 'X-RAY DIFFRACTION' 
r_scbond_it                  ?      ?      ? ?   ? 'X-RAY DIFFRACTION' 
r_scangle_it                 ?      ?      ? ?   ? 'X-RAY DIFFRACTION' 
r_rigid_bond_restr           ?      ?      ? ?   ? 'X-RAY DIFFRACTION' 
r_sphericity_free            ?      ?      ? ?   ? 'X-RAY DIFFRACTION' 
r_sphericity_bonded          ?      ?      ? ?   ? 'X-RAY DIFFRACTION' 
# 
_refine_ls_shell.pdbx_total_number_of_bins_used   20 
_refine_ls_shell.d_res_high                       1.57 
_refine_ls_shell.d_res_low                        1.612 
_refine_ls_shell.number_reflns_R_work             410 
_refine_ls_shell.R_factor_R_work                  0.312 
_refine_ls_shell.percent_reflns_obs               94.97 
_refine_ls_shell.R_factor_R_free                  0.370 
_refine_ls_shell.R_factor_R_free_error            ? 
_refine_ls_shell.percent_reflns_R_free            ? 
_refine_ls_shell.number_reflns_R_free             43 
_refine_ls_shell.number_reflns_all                ? 
_refine_ls_shell.R_factor_all                     ? 
_refine_ls_shell.number_reflns_obs                453 
_refine_ls_shell.redundancy_reflns_obs            ? 
_refine_ls_shell.pdbx_refine_id                   'X-RAY DIFFRACTION' 
# 
_struct.entry_id                  4HLR 
_struct.title                     'Structural Determinants of Trimerization Specificity in HIV-1 gp41 Protein' 
_struct.pdbx_model_details        ? 
_struct.pdbx_CASP_flag            ? 
_struct.pdbx_model_type_details   ? 
# 
_struct_keywords.entry_id        4HLR 
_struct_keywords.pdbx_keywords   'VIRAL PROTEIN' 
_struct_keywords.text            'gp41, HIV-1, trimerization domain, oligomeric structure, VIRAL PROTEIN' 
# 
loop_
_struct_asym.id 
_struct_asym.pdbx_blank_PDB_chainid_flag 
_struct_asym.pdbx_modified 
_struct_asym.entity_id 
_struct_asym.details 
A N N 1 ? 
B N N 2 ? 
C N N 3 ? 
# 
_struct_biol.id        1 
_struct_biol.details   ? 
# 
_struct_conf.conf_type_id            HELX_P 
_struct_conf.id                      HELX_P1 
_struct_conf.pdbx_PDB_helix_id       1 
_struct_conf.beg_label_comp_id       HIS 
_struct_conf.beg_label_asym_id       A 
_struct_conf.beg_label_seq_id        5 
_struct_conf.pdbx_beg_PDB_ins_code   ? 
_struct_conf.end_label_comp_id       GLN 
_struct_conf.end_label_asym_id       A 
_struct_conf.end_label_seq_id        31 
_struct_conf.pdbx_end_PDB_ins_code   ? 
_struct_conf.beg_auth_comp_id        HIS 
_struct_conf.beg_auth_asym_id        A 
_struct_conf.beg_auth_seq_id         5 
_struct_conf.end_auth_comp_id        GLN 
_struct_conf.end_auth_asym_id        A 
_struct_conf.end_auth_seq_id         31 
_struct_conf.pdbx_PDB_helix_class    1 
_struct_conf.details                 ? 
_struct_conf.pdbx_PDB_helix_length   27 
# 
_struct_conf_type.id          HELX_P 
_struct_conf_type.criteria    ? 
_struct_conf_type.reference   ? 
# 
_struct_site.id                   AC1 
_struct_site.pdbx_evidence_code   Software 
_struct_site.pdbx_auth_asym_id    A 
_struct_site.pdbx_auth_comp_id    HEZ 
_struct_site.pdbx_auth_seq_id     101 
_struct_site.pdbx_auth_ins_code   ? 
_struct_site.pdbx_num_residues    4 
_struct_site.details              'BINDING SITE FOR RESIDUE HEZ A 101' 
# 
loop_
_struct_site_gen.id 
_struct_site_gen.site_id 
_struct_site_gen.pdbx_num_res 
_struct_site_gen.label_comp_id 
_struct_site_gen.label_asym_id 
_struct_site_gen.label_seq_id 
_struct_site_gen.pdbx_auth_ins_code 
_struct_site_gen.auth_comp_id 
_struct_site_gen.auth_asym_id 
_struct_site_gen.auth_seq_id 
_struct_site_gen.label_atom_id 
_struct_site_gen.label_alt_id 
_struct_site_gen.symmetry 
_struct_site_gen.details 
1 AC1 4 GLN A 3  ? GLN A 3   . ? 3_456 ? 
2 AC1 4 TYR A 27 ? TYR A 27  . ? 3_455 ? 
3 AC1 4 HOH C .  ? HOH A 201 . ? 1_555 ? 
4 AC1 4 HOH C .  ? HOH A 213 . ? 1_555 ? 
# 
_atom_sites.entry_id                    4HLR 
_atom_sites.fract_transf_matrix[1][1]   0.00280939 
_atom_sites.fract_transf_matrix[1][2]   -0.01524352 
_atom_sites.fract_transf_matrix[1][3]   0.02020240 
_atom_sites.fract_transf_matrix[2][1]   0.01777772 
_atom_sites.fract_transf_matrix[2][2]   0.00517552 
_atom_sites.fract_transf_matrix[2][3]   0.01748090 
_atom_sites.fract_transf_matrix[3][1]   -0.01569793 
_atom_sites.fract_transf_matrix[3][2]   0.01311764 
_atom_sites.fract_transf_matrix[3][3]   0.01208077 
_atom_sites.fract_transf_vector[1]      -0.379052 
_atom_sites.fract_transf_vector[2]      0.184290 
_atom_sites.fract_transf_vector[3]      0.277188 
# 
loop_
_atom_type.symbol 
C 
N 
O 
# 
loop_
_atom_site.group_PDB 
_atom_site.id 
_atom_site.type_symbol 
_atom_site.label_atom_id 
_atom_site.label_alt_id 
_atom_site.label_comp_id 
_atom_site.label_asym_id 
_atom_site.label_entity_id 
_atom_site.label_seq_id 
_atom_site.pdbx_PDB_ins_code 
_atom_site.Cartn_x 
_atom_site.Cartn_y 
_atom_site.Cartn_z 
_atom_site.occupancy 
_atom_site.B_iso_or_equiv 
_atom_site.pdbx_formal_charge 
_atom_site.auth_seq_id 
_atom_site.auth_comp_id 
_atom_site.auth_asym_id 
_atom_site.auth_atom_id 
_atom_site.pdbx_PDB_model_num 
ATOM   1   N N   . GLN A 1 3  ? 11.116  -21.532 -8.807  1.00 72.83  ? 3   GLN A N   1 
ATOM   2   C CA  . GLN A 1 3  ? 11.962  -20.552 -8.046  1.00 67.38  ? 3   GLN A CA  1 
ATOM   3   C C   . GLN A 1 3  ? 11.177  -19.706 -7.014  1.00 62.90  ? 3   GLN A C   1 
ATOM   4   O O   . GLN A 1 3  ? 9.952   -19.456 -7.153  1.00 63.38  ? 3   GLN A O   1 
ATOM   5   C CB  . GLN A 1 3  ? 12.713  -19.616 -9.001  1.00 64.06  ? 3   GLN A CB  1 
ATOM   6   C CG  . GLN A 1 3  ? 13.868  -20.237 -9.769  1.00 68.24  ? 3   GLN A CG  1 
ATOM   7   C CD  . GLN A 1 3  ? 13.640  -20.392 -11.276 1.00 71.64  ? 3   GLN A CD  1 
ATOM   8   O OE1 . GLN A 1 3  ? 13.030  -19.534 -11.927 1.00 68.93  ? 3   GLN A OE1 1 
ATOM   9   N NE2 . GLN A 1 3  ? 14.189  -21.476 -11.851 1.00 75.74  ? 3   GLN A NE2 1 
ATOM   10  N N   . GLN A 1 4  ? 11.901  -19.301 -5.967  1.00 62.07  ? 4   GLN A N   1 
ATOM   11  C CA  . GLN A 1 4  ? 11.511  -18.163 -5.107  1.00 54.99  ? 4   GLN A CA  1 
ATOM   12  C C   . GLN A 1 4  ? 12.005  -16.926 -5.852  1.00 45.21  ? 4   GLN A C   1 
ATOM   13  O O   . GLN A 1 4  ? 13.199  -16.873 -6.249  1.00 50.23  ? 4   GLN A O   1 
ATOM   14  C CB  . GLN A 1 4  ? 12.164  -18.261 -3.731  1.00 59.41  ? 4   GLN A CB  1 
ATOM   15  C CG  . GLN A 1 4  ? 11.396  -19.119 -2.735  1.00 79.97  ? 4   GLN A CG  1 
ATOM   16  C CD  . GLN A 1 4  ? 12.239  -20.248 -2.119  1.00 94.96  ? 4   GLN A CD  1 
ATOM   17  O OE1 . GLN A 1 4  ? 12.093  -20.565 -0.927  1.00 104.45 ? 4   GLN A OE1 1 
ATOM   18  N NE2 . GLN A 1 4  ? 13.114  -20.873 -2.936  1.00 99.52  ? 4   GLN A NE2 1 
ATOM   19  N N   . HIS A 1 5  ? 11.096  -15.965 -6.095  1.00 31.73  ? 5   HIS A N   1 
ATOM   20  C CA  . HIS A 1 5  ? 11.491  -14.686 -6.770  1.00 27.83  ? 5   HIS A CA  1 
ATOM   21  C C   . HIS A 1 5  ? 11.187  -13.593 -5.818  1.00 24.77  ? 5   HIS A C   1 
ATOM   22  O O   . HIS A 1 5  ? 10.116  -12.955 -5.905  1.00 26.00  ? 5   HIS A O   1 
ATOM   23  C CB  . HIS A 1 5  ? 10.731  -14.468 -8.096  1.00 25.38  ? 5   HIS A CB  1 
ATOM   24  C CG  . HIS A 1 5  ? 11.037  -15.520 -9.163  1.00 26.22  ? 5   HIS A CG  1 
ATOM   25  N ND1 . HIS A 1 5  ? 12.237  -15.618 -9.790  1.00 26.29  ? 5   HIS A ND1 1 
ATOM   26  C CD2 . HIS A 1 5  ? 10.217  -16.493 -9.705  1.00 29.18  ? 5   HIS A CD2 1 
ATOM   27  C CE1 . HIS A 1 5  ? 12.199  -16.663 -10.655 1.00 25.83  ? 5   HIS A CE1 1 
ATOM   28  N NE2 . HIS A 1 5  ? 10.932  -17.164 -10.633 1.00 29.19  ? 5   HIS A NE2 1 
ATOM   29  N N   . LEU A 1 6  ? 12.101  -13.410 -4.905  1.00 23.08  ? 6   LEU A N   1 
ATOM   30  C CA  . LEU A 1 6  ? 11.890  -12.505 -3.798  1.00 23.74  ? 6   LEU A CA  1 
ATOM   31  C C   . LEU A 1 6  ? 11.775  -11.047 -4.284  1.00 24.46  ? 6   LEU A C   1 
ATOM   32  O O   . LEU A 1 6  ? 11.046  -10.254 -3.668  1.00 23.01  ? 6   LEU A O   1 
ATOM   33  C CB  . LEU A 1 6  ? 13.028  -12.665 -2.833  1.00 23.70  ? 6   LEU A CB  1 
ATOM   34  C CG  . LEU A 1 6  ? 12.975  -11.798 -1.565  1.00 24.07  ? 6   LEU A CG  1 
ATOM   35  C CD1 . LEU A 1 6  ? 11.638  -12.111 -0.825  1.00 26.31  ? 6   LEU A CD1 1 
ATOM   36  C CD2 . LEU A 1 6  ? 14.183  -12.112 -0.667  1.00 26.58  ? 6   LEU A CD2 1 
ATOM   37  N N   . LEU A 1 7  ? 12.494  -10.663 -5.343  1.00 20.66  ? 7   LEU A N   1 
ATOM   38  C CA  . LEU A 1 7  ? 12.326  -9.318  -5.822  1.00 22.99  ? 7   LEU A CA  1 
ATOM   39  C C   . LEU A 1 7  ? 10.901  -9.073  -6.345  1.00 22.90  ? 7   LEU A C   1 
ATOM   40  O O   . LEU A 1 7  ? 10.343  -7.972  -6.117  1.00 25.47  ? 7   LEU A O   1 
ATOM   41  C CB  . LEU A 1 7  ? 13.421  -8.995  -6.863  1.00 23.24  ? 7   LEU A CB  1 
ATOM   42  C CG  . LEU A 1 7  ? 13.292  -7.617  -7.531  1.00 23.26  ? 7   LEU A CG  1 
ATOM   43  C CD1 . LEU A 1 7  ? 13.345  -6.491  -6.499  1.00 25.05  ? 7   LEU A CD1 1 
ATOM   44  C CD2 . LEU A 1 7  ? 14.447  -7.451  -8.538  1.00 24.96  ? 7   LEU A CD2 1 
ATOM   45  N N   . GLN A 1 8  ? 10.339  -10.049 -7.063  1.00 22.67  ? 8   GLN A N   1 
ATOM   46  C CA  . GLN A 1 8  ? 8.964   -9.870  -7.530  1.00 25.33  ? 8   GLN A CA  1 
ATOM   47  C C   . GLN A 1 8  ? 7.993   -9.805  -6.327  1.00 26.24  ? 8   GLN A C   1 
ATOM   48  O O   . GLN A 1 8  ? 7.003   -9.052  -6.350  1.00 26.27  ? 8   GLN A O   1 
ATOM   49  C CB  . GLN A 1 8  ? 8.607   -11.043 -8.412  1.00 28.98  ? 8   GLN A CB  1 
ATOM   50  C CG  . GLN A 1 8  ? 9.385   -11.118 -9.729  1.00 32.63  ? 8   GLN A CG  1 
ATOM   51  C CD  . GLN A 1 8  ? 8.970   -12.360 -10.579 1.00 48.99  ? 8   GLN A CD  1 
ATOM   52  O OE1 . GLN A 1 8  ? 7.912   -13.002 -10.342 1.00 56.94  ? 8   GLN A OE1 1 
ATOM   53  N NE2 . GLN A 1 8  ? 9.795   -12.705 -11.583 1.00 46.93  ? 8   GLN A NE2 1 
ATOM   54  N N   . LEU A 1 9  ? 8.242   -10.623 -5.308  1.00 25.58  ? 9   LEU A N   1 
ATOM   55  C CA  . LEU A 1 9  ? 7.368   -10.643 -4.112  1.00 26.86  ? 9   LEU A CA  1 
ATOM   56  C C   . LEU A 1 9  ? 7.459   -9.309  -3.402  1.00 25.88  ? 9   LEU A C   1 
ATOM   57  O O   . LEU A 1 9  ? 6.475   -8.791  -2.856  1.00 24.62  ? 9   LEU A O   1 
ATOM   58  C CB  . LEU A 1 9  ? 7.819   -11.741 -3.194  1.00 29.99  ? 9   LEU A CB  1 
ATOM   59  C CG  . LEU A 1 9  ? 6.946   -12.627 -2.358  1.00 43.15  ? 9   LEU A CG  1 
ATOM   60  C CD1 . LEU A 1 9  ? 7.552   -13.985 -2.723  1.00 45.16  ? 9   LEU A CD1 1 
ATOM   61  C CD2 . LEU A 1 9  ? 7.122   -12.313 -0.902  1.00 41.49  ? 9   LEU A CD2 1 
ATOM   62  N N   . THR A 1 10 ? 8.631   -8.730  -3.414  1.00 22.69  ? 10  THR A N   1 
ATOM   63  C CA  . THR A 1 10 ? 8.857   -7.487  -2.685  1.00 23.02  ? 10  THR A CA  1 
ATOM   64  C C   . THR A 1 10 ? 8.167   -6.341  -3.423  1.00 23.37  ? 10  THR A C   1 
ATOM   65  O O   . THR A 1 10 ? 7.696   -5.401  -2.815  1.00 23.38  ? 10  THR A O   1 
ATOM   66  C CB  . THR A 1 10 ? 10.351  -7.254  -2.505  1.00 22.63  ? 10  THR A CB  1 
ATOM   67  O OG1 . THR A 1 10 ? 10.889  -8.358  -1.759  1.00 25.68  ? 10  THR A OG1 1 
ATOM   68  C CG2 . THR A 1 10 ? 10.607  -5.963  -1.758  1.00 25.68  ? 10  THR A CG2 1 
ATOM   69  N N   . VAL A 1 11 ? 8.186   -6.386  -4.749  1.00 24.61  ? 11  VAL A N   1 
ATOM   70  C CA  . VAL A 1 11 ? 7.500   -5.370  -5.587  1.00 24.90  ? 11  VAL A CA  1 
ATOM   71  C C   . VAL A 1 11 ? 5.987   -5.451  -5.303  1.00 26.95  ? 11  VAL A C   1 
ATOM   72  O O   . VAL A 1 11 ? 5.309   -4.448  -5.089  1.00 26.13  ? 11  VAL A O   1 
ATOM   73  C CB  . VAL A 1 11 ? 7.753   -5.605  -7.067  1.00 26.05  ? 11  VAL A CB  1 
ATOM   74  C CG1 . VAL A 1 11 ? 6.738   -4.843  -7.927  1.00 29.72  ? 11  VAL A CG1 1 
ATOM   75  C CG2 . VAL A 1 11 ? 9.216   -5.174  -7.378  1.00 26.13  ? 11  VAL A CG2 1 
ATOM   76  N N   . TRP A 1 12 ? 5.498   -6.660  -5.162  1.00 24.51  ? 12  TRP A N   1 
ATOM   77  C CA  . TRP A 1 12 ? 4.112   -6.854  -4.773  1.00 25.51  ? 12  TRP A CA  1 
ATOM   78  C C   . TRP A 1 12 ? 3.803   -6.337  -3.367  1.00 26.76  ? 12  TRP A C   1 
ATOM   79  O O   . TRP A 1 12 ? 2.778   -5.646  -3.141  1.00 24.95  ? 12  TRP A O   1 
ATOM   80  C CB  . TRP A 1 12 ? 3.780   -8.338  -4.938  1.00 30.80  ? 12  TRP A CB  1 
ATOM   81  C CG  . TRP A 1 12 ? 2.359   -8.662  -4.482  1.00 34.75  ? 12  TRP A CG  1 
ATOM   82  C CD1 . TRP A 1 12 ? 1.183   -8.584  -5.215  1.00 38.82  ? 12  TRP A CD1 1 
ATOM   83  C CD2 . TRP A 1 12 ? 1.948   -9.076  -3.136  1.00 38.35  ? 12  TRP A CD2 1 
ATOM   84  N NE1 . TRP A 1 12 ? 0.108   -8.934  -4.454  1.00 41.56  ? 12  TRP A NE1 1 
ATOM   85  C CE2 . TRP A 1 12 ? 0.493   -9.265  -3.197  1.00 40.95  ? 12  TRP A CE2 1 
ATOM   86  C CE3 . TRP A 1 12 ? 2.630   -9.339  -1.922  1.00 42.76  ? 12  TRP A CE3 1 
ATOM   87  C CZ2 . TRP A 1 12 ? -0.259  -9.626  -2.067  1.00 44.56  ? 12  TRP A CZ2 1 
ATOM   88  C CZ3 . TRP A 1 12 ? 1.867   -9.742  -0.790  1.00 46.13  ? 12  TRP A CZ3 1 
ATOM   89  C CH2 . TRP A 1 12 ? 0.452   -9.859  -0.865  1.00 45.77  ? 12  TRP A CH2 1 
ATOM   90  N N   . GLY A 1 13 ? 4.694   -6.612  -2.405  1.00 23.86  ? 13  GLY A N   1 
ATOM   91  C CA  . GLY A 1 13 ? 4.514   -6.145  -1.027  1.00 23.05  ? 13  GLY A CA  1 
ATOM   92  C C   . GLY A 1 13 ? 4.497   -4.611  -1.012  1.00 24.92  ? 13  GLY A C   1 
ATOM   93  O O   . GLY A 1 13 ? 3.773   -4.014  -0.189  1.00 23.65  ? 13  GLY A O   1 
ATOM   94  N N   . LEU A 1 14 ? 5.361   -3.994  -1.843  1.00 22.91  ? 14  LEU A N   1 
ATOM   95  C CA  . LEU A 1 14 ? 5.419   -2.540  -2.024  1.00 22.77  ? 14  LEU A CA  1 
ATOM   96  C C   . LEU A 1 14 ? 4.030   -1.996  -2.445  1.00 23.17  ? 14  LEU A C   1 
ATOM   97  O O   . LEU A 1 14 ? 3.514   -1.005  -1.829  1.00 21.76  ? 14  LEU A O   1 
ATOM   98  C CB  . LEU A 1 14 ? 6.583   -2.103  -2.994  1.00 25.08  ? 14  LEU A CB  1 
ATOM   99  C CG  . LEU A 1 14 ? 6.622   -0.604  -3.314  1.00 30.42  ? 14  LEU A CG  1 
ATOM   100 C CD1 . LEU A 1 14 ? 6.857   0.114   -1.966  1.00 34.77  ? 14  LEU A CD1 1 
ATOM   101 C CD2 . LEU A 1 14 ? 7.724   -0.271  -4.335  1.00 32.61  ? 14  LEU A CD2 1 
ATOM   102 N N   . LYS A 1 15 ? 3.444   -2.665  -3.412  1.00 23.73  ? 15  LYS A N   1 
ATOM   103 C CA  . LYS A 1 15 ? 2.114   -2.272  -3.920  1.00 24.52  ? 15  LYS A CA  1 
ATOM   104 C C   . LYS A 1 15 ? 1.068   -2.431  -2.858  1.00 23.71  ? 15  LYS A C   1 
ATOM   105 O O   . LYS A 1 15 ? 0.190   -1.522  -2.706  1.00 22.93  ? 15  LYS A O   1 
ATOM   106 C CB  . LYS A 1 15 ? 1.752   -3.030  -5.200  1.00 30.18  ? 15  LYS A CB  1 
ATOM   107 C CG  . LYS A 1 15 ? 2.488   -2.356  -6.355  1.00 38.65  ? 15  LYS A CG  1 
ATOM   108 C CD  . LYS A 1 15 ? 2.462   -3.202  -7.624  1.00 46.72  ? 15  LYS A CD  1 
ATOM   109 C CE  . LYS A 1 15 ? 3.632   -2.848  -8.552  1.00 49.29  ? 15  LYS A CE  1 
ATOM   110 N NZ  . LYS A 1 15 ? 3.742   -3.827  -9.671  1.00 53.90  ? 15  LYS A NZ  1 
ATOM   111 N N   . GLN A 1 16 ? 1.202   -3.429  -1.978  1.00 22.18  ? 16  GLN A N   1 
ATOM   112 C CA  . GLN A 1 16 ? 0.167   -3.578  -0.879  1.00 22.64  ? 16  GLN A CA  1 
ATOM   113 C C   . GLN A 1 16 ? 0.327   -2.443  0.115   1.00 21.74  ? 16  GLN A C   1 
ATOM   114 O O   . GLN A 1 16 ? -0.662  -1.885  0.625   1.00 22.48  ? 16  GLN A O   1 
ATOM   115 C CB  . GLN A 1 16 ? 0.301   -4.917  -0.137  1.00 27.19  ? 16  GLN A CB  1 
ATOM   116 C CG  . GLN A 1 16 ? 0.321   -6.146  -1.018  1.00 31.26  ? 16  GLN A CG  1 
ATOM   117 C CD  . GLN A 1 16 ? -0.721  -6.072  -2.120  1.00 40.09  ? 16  GLN A CD  1 
ATOM   118 O OE1 . GLN A 1 16 ? -1.930  -6.148  -1.822  1.00 44.14  ? 16  GLN A OE1 1 
ATOM   119 N NE2 . GLN A 1 16 ? -0.278  -5.913  -3.410  1.00 41.36  ? 16  GLN A NE2 1 
ATOM   120 N N   . ILE A 1 17 ? 1.574   -2.054  0.421   1.00 19.93  ? 17  ILE A N   1 
ATOM   121 C CA  . ILE A 1 17 ? 1.754   -0.984  1.368   1.00 18.83  ? 17  ILE A CA  1 
ATOM   122 C C   . ILE A 1 17 ? 1.334   0.345   0.782   1.00 19.20  ? 17  ILE A C   1 
ATOM   123 O O   . ILE A 1 17 ? 0.713   1.143   1.507   1.00 17.56  ? 17  ILE A O   1 
ATOM   124 C CB  . ILE A 1 17 ? 3.228   -0.854  1.963   1.00 21.54  ? 17  ILE A CB  1 
ATOM   125 C CG1 . ILE A 1 17 ? 3.591   -2.051  2.853   1.00 27.96  ? 17  ILE A CG1 1 
ATOM   126 C CG2 . ILE A 1 17 ? 3.310   0.229   3.061   1.00 29.01  ? 17  ILE A CG2 1 
ATOM   127 C CD1 . ILE A 1 17 ? 2.616   -2.403  3.990   1.00 36.57  ? 17  ILE A CD1 1 
ATOM   128 N N   . GLN A 1 18 ? 1.532   0.555   -0.530  1.00 19.38  ? 18  GLN A N   1 
ATOM   129 C CA  . GLN A 1 18 ? 1.030   1.812   -1.149  1.00 20.43  ? 18  GLN A CA  1 
ATOM   130 C C   . GLN A 1 18 ? -0.465  1.886   -1.012  1.00 20.12  ? 18  GLN A C   1 
ATOM   131 O O   . GLN A 1 18 ? -1.015  2.952   -0.716  1.00 18.77  ? 18  GLN A O   1 
ATOM   132 C CB  . GLN A 1 18 ? 1.262   1.767   -2.631  1.00 23.99  ? 18  GLN A CB  1 
ATOM   133 C CG  . GLN A 1 18 ? 2.679   2.083   -2.972  1.00 34.11  ? 18  GLN A CG  1 
ATOM   134 C CD  . GLN A 1 18 ? 2.872   2.231   -4.494  1.00 46.01  ? 18  GLN A CD  1 
ATOM   135 O OE1 . GLN A 1 18 ? 3.105   3.341   -5.005  1.00 59.56  ? 18  GLN A OE1 1 
ATOM   136 N NE2 . GLN A 1 18 ? 2.717   1.136   -5.215  1.00 38.04  ? 18  GLN A NE2 1 
ATOM   137 N N   . ALA A 1 19 ? -1.158  0.768   -1.230  1.00 17.88  ? 19  ALA A N   1 
ATOM   138 C CA  . ALA A 1 19 ? -2.600  0.790   -1.049  1.00 18.21  ? 19  ALA A CA  1 
ATOM   139 C C   . ALA A 1 19 ? -3.032  1.054   0.386   1.00 16.34  ? 19  ALA A C   1 
ATOM   140 O O   . ALA A 1 19 ? -4.034  1.747   0.613   1.00 17.11  ? 19  ALA A O   1 
ATOM   141 C CB  . ALA A 1 19 ? -3.214  -0.522  -1.514  1.00 20.76  ? 19  ALA A CB  1 
ATOM   142 N N   . ARG A 1 20 ? -2.291  0.532   1.372   1.00 16.84  ? 20  ARG A N   1 
ATOM   143 C CA  . ARG A 1 20 ? -2.650  0.851   2.728   1.00 16.66  ? 20  ARG A CA  1 
ATOM   144 C C   . ARG A 1 20 ? -2.441  2.349   3.061   1.00 14.36  ? 20  ARG A C   1 
ATOM   145 O O   . ARG A 1 20 ? -3.276  2.937   3.729   1.00 15.72  ? 20  ARG A O   1 
ATOM   146 C CB  . ARG A 1 20 ? -1.846  0.002   3.780   1.00 17.68  ? 20  ARG A CB  1 
ATOM   147 C CG  . ARG A 1 20 ? -2.334  -1.394  3.775   1.00 20.35  ? 20  ARG A CG  1 
ATOM   148 C CD  . ARG A 1 20 ? -1.416  -2.213  4.581   1.00 22.44  ? 20  ARG A CD  1 
ATOM   149 N NE  . ARG A 1 20 ? -1.475  -1.925  6.006   1.00 23.35  ? 20  ARG A NE  1 
ATOM   150 C CZ  . ARG A 1 20 ? -0.799  -2.667  6.917   1.00 24.25  ? 20  ARG A CZ  1 
ATOM   151 N NH1 . ARG A 1 20 ? 0.005   -3.653  6.502   1.00 28.33  ? 20  ARG A NH1 1 
ATOM   152 N NH2 . ARG A 1 20 ? -0.932  -2.429  8.222   1.00 24.84  ? 20  ARG A NH2 1 
ATOM   153 N N   . ILE A 1 21 ? -1.360  2.961   2.549   1.00 14.49  ? 21  ILE A N   1 
ATOM   154 C CA  . ILE A 1 21 ? -1.153  4.349   2.857   1.00 14.80  ? 21  ILE A CA  1 
ATOM   155 C C   . ILE A 1 21 ? -2.231  5.216   2.141   1.00 15.69  ? 21  ILE A C   1 
ATOM   156 O O   . ILE A 1 21 ? -2.756  6.174   2.711   1.00 14.88  ? 21  ILE A O   1 
ATOM   157 C CB  . ILE A 1 21 ? 0.283   4.814   2.550   1.00 17.29  ? 21  ILE A CB  1 
ATOM   158 C CG1 . ILE A 1 21 ? 0.442   6.305   3.037   1.00 20.78  ? 21  ILE A CG1 1 
ATOM   159 C CG2 . ILE A 1 21 ? 0.708   4.830   1.127   1.00 24.37  ? 21  ILE A CG2 1 
ATOM   160 C CD1 . ILE A 1 21 ? 0.023   6.526   4.465   1.00 25.80  ? 21  ILE A CD1 1 
ATOM   161 N N   . LEU A 1 22 ? -2.524  4.851   0.868   1.00 14.70  ? 22  LEU A N   1 
ATOM   162 C CA  . LEU A 1 22 ? -3.580  5.572   0.152   1.00 15.87  ? 22  LEU A CA  1 
ATOM   163 C C   . LEU A 1 22 ? -4.960  5.512   0.891   1.00 15.88  ? 22  LEU A C   1 
ATOM   164 O O   . LEU A 1 22 ? -5.678  6.500   1.009   1.00 16.17  ? 22  LEU A O   1 
ATOM   165 C CB  . LEU A 1 22 ? -3.716  4.912   -1.219  1.00 17.15  ? 22  LEU A CB  1 
ATOM   166 C CG  . LEU A 1 22 ? -4.796  5.566   -2.113  1.00 17.29  ? 22  LEU A CG  1 
ATOM   167 C CD1 . LEU A 1 22 ? -4.463  7.070   -2.373  1.00 18.89  ? 22  LEU A CD1 1 
ATOM   168 C CD2 . LEU A 1 22 ? -4.835  4.702   -3.362  1.00 19.27  ? 22  LEU A CD2 1 
ATOM   169 N N   . ALA A 1 23 ? -5.256  4.339   1.458   1.00 14.89  ? 23  ALA A N   1 
ATOM   170 C CA  . ALA A 1 23 ? -6.470  4.197   2.288   1.00 15.61  ? 23  ALA A CA  1 
ATOM   171 C C   . ALA A 1 23 ? -6.452  5.153   3.448   1.00 15.62  ? 23  ALA A C   1 
ATOM   172 O O   . ALA A 1 23 ? -7.497  5.757   3.772   1.00 16.45  ? 23  ALA A O   1 
ATOM   173 C CB  . ALA A 1 23 ? -6.679  2.746   2.751   1.00 15.81  ? 23  ALA A CB  1 
ATOM   174 N N   . VAL A 1 24 ? -5.291  5.292   4.110   1.00 14.68  ? 24  VAL A N   1 
ATOM   175 C CA  . VAL A 1 24 ? -5.240  6.262   5.224   1.00 15.00  ? 24  VAL A CA  1 
ATOM   176 C C   . VAL A 1 24 ? -5.341  7.720   4.774   1.00 14.34  ? 24  VAL A C   1 
ATOM   177 O O   . VAL A 1 24 ? -6.085  8.477   5.376   1.00 15.77  ? 24  VAL A O   1 
ATOM   178 C CB  . VAL A 1 24 ? -3.917  6.054   5.953   1.00 15.46  ? 24  VAL A CB  1 
ATOM   179 C CG1 . VAL A 1 24 ? -3.622  7.224   6.921   1.00 15.71  ? 24  VAL A CG1 1 
ATOM   180 C CG2 . VAL A 1 24 ? -3.974  4.773   6.798   1.00 17.91  ? 24  VAL A CG2 1 
ATOM   181 N N   . GLU A 1 25 ? -4.665  8.066   3.648   1.00 13.92  ? 25  GLU A N   1 
ATOM   182 C CA  . GLU A 1 25 ? -4.842  9.393   3.094   1.00 15.19  ? 25  GLU A CA  1 
ATOM   183 C C   . GLU A 1 25 ? -6.273  9.734   2.774   1.00 14.78  ? 25  GLU A C   1 
ATOM   184 O O   . GLU A 1 25 ? -6.743  10.822  3.135   1.00 16.59  ? 25  GLU A O   1 
ATOM   185 C CB  . GLU A 1 25 ? -3.976  9.508   1.851   1.00 14.33  ? 25  GLU A CB  1 
ATOM   186 C CG  . GLU A 1 25 ? -2.470  9.456   2.161   1.00 16.07  ? 25  GLU A CG  1 
ATOM   187 C CD  . GLU A 1 25 ? -1.628  9.258   0.906   1.00 17.53  ? 25  GLU A CD  1 
ATOM   188 O OE1 . GLU A 1 25 ? -2.184  8.784   -0.134  1.00 20.72  ? 25  GLU A OE1 1 
ATOM   189 O OE2 . GLU A 1 25 ? -0.388  9.390   0.948   1.00 19.43  ? 25  GLU A OE2 1 
ATOM   190 N N   . ARG A 1 26 ? -6.986  8.772   2.179   1.00 14.78  ? 26  ARG A N   1 
ATOM   191 C CA  . ARG A 1 26 ? -8.405  8.947   1.869   1.00 16.02  ? 26  ARG A CA  1 
ATOM   192 C C   . ARG A 1 26 ? -9.263  9.065   3.082   1.00 16.25  ? 26  ARG A C   1 
ATOM   193 O O   . ARG A 1 26 ? -10.200 9.861   3.106   1.00 18.03  ? 26  ARG A O   1 
ATOM   194 C CB  . ARG A 1 26 ? -8.899  7.820   0.941   1.00 15.98  ? 26  ARG A CB  1 
ATOM   195 C CG  . ARG A 1 26 ? -8.401  7.947   -0.493  1.00 16.31  ? 26  ARG A CG  1 
ATOM   196 C CD  . ARG A 1 26 ? -8.610  6.625   -1.213  1.00 18.19  ? 26  ARG A CD  1 
ATOM   197 N NE  . ARG A 1 26 ? -8.314  6.810   -2.633  1.00 19.40  ? 26  ARG A NE  1 
ATOM   198 C CZ  . ARG A 1 26 ? -8.333  5.814   -3.508  1.00 20.62  ? 26  ARG A CZ  1 
ATOM   199 N NH1 . ARG A 1 26 ? -8.467  4.558   -3.070  1.00 20.36  ? 26  ARG A NH1 1 
ATOM   200 N NH2 . ARG A 1 26 ? -8.133  6.045   -4.800  1.00 22.19  ? 26  ARG A NH2 1 
ATOM   201 N N   . TYR A 1 27 ? -8.969  8.261   4.104   1.00 15.29  ? 27  TYR A N   1 
ATOM   202 C CA  . TYR A 1 27 ? -9.721  8.270   5.357   1.00 15.65  ? 27  TYR A CA  1 
ATOM   203 C C   . TYR A 1 27 ? -9.633  9.664   5.986   1.00 15.79  ? 27  TYR A C   1 
ATOM   204 O O   . TYR A 1 27 ? -10.633 10.201  6.492   1.00 15.27  ? 27  TYR A O   1 
ATOM   205 C CB  . TYR A 1 27 ? -9.211  7.199   6.292   1.00 17.50  ? 27  TYR A CB  1 
ATOM   206 C CG  . TYR A 1 27 ? -10.053 7.017   7.548   1.00 17.69  ? 27  TYR A CG  1 
ATOM   207 C CD1 . TYR A 1 27 ? -11.167 6.148   7.482   1.00 20.17  ? 27  TYR A CD1 1 
ATOM   208 C CD2 . TYR A 1 27 ? -9.706  7.603   8.794   1.00 18.27  ? 27  TYR A CD2 1 
ATOM   209 C CE1 . TYR A 1 27 ? -11.996 5.946   8.534   1.00 22.06  ? 27  TYR A CE1 1 
ATOM   210 C CE2 . TYR A 1 27 ? -10.570 7.381   9.886   1.00 19.12  ? 27  TYR A CE2 1 
ATOM   211 C CZ  . TYR A 1 27 ? -11.696 6.551   9.739   1.00 21.07  ? 27  TYR A CZ  1 
ATOM   212 O OH  . TYR A 1 27 ? -12.545 6.284   10.844  1.00 22.99  ? 27  TYR A OH  1 
ATOM   213 N N   . LEU A 1 28 ? -8.399  10.214  6.002   1.00 14.90  ? 28  LEU A N   1 
ATOM   214 C CA  . LEU A 1 28 ? -8.242  11.535  6.589   1.00 14.90  ? 28  LEU A CA  1 
ATOM   215 C C   . LEU A 1 28 ? -9.065  12.557  5.868   1.00 17.27  ? 28  LEU A C   1 
ATOM   216 O O   . LEU A 1 28 ? -9.702  13.408  6.487   1.00 19.60  ? 28  LEU A O   1 
ATOM   217 C CB  . LEU A 1 28 ? -6.758  11.968  6.648   1.00 15.55  ? 28  LEU A CB  1 
ATOM   218 C CG  . LEU A 1 28 ? -5.986  11.003  7.615   1.00 16.18  ? 28  LEU A CG  1 
ATOM   219 C CD1 . LEU A 1 28 ? -4.518  11.313  7.427   1.00 18.25  ? 28  LEU A CD1 1 
ATOM   220 C CD2 . LEU A 1 28 ? -6.413  11.204  8.999   1.00 19.98  ? 28  LEU A CD2 1 
ATOM   221 N N   . LYS A 1 29 ? -9.047  12.480  4.536   1.00 16.47  ? 29  LYS A N   1 
ATOM   222 C CA  . LYS A 1 29 ? -9.862  13.403  3.714   1.00 18.71  ? 29  LYS A CA  1 
ATOM   223 C C   . LYS A 1 29 ? -11.367 13.188  4.005   1.00 18.84  ? 29  LYS A C   1 
ATOM   224 O O   . LYS A 1 29 ? -12.136 14.133  4.243   1.00 19.36  ? 29  LYS A O   1 
ATOM   225 C CB  . LYS A 1 29 ? -9.524  13.211  2.277   1.00 19.06  ? 29  LYS A CB  1 
ATOM   226 C CG  . LYS A 1 29 ? -10.363 14.116  1.362   1.00 22.13  ? 29  LYS A CG  1 
ATOM   227 C CD  . LYS A 1 29 ? -10.069 13.691  -0.076  1.00 28.98  ? 29  LYS A CD  1 
ATOM   228 C CE  . LYS A 1 29 ? -11.115 14.497  -0.846  1.00 35.45  ? 29  LYS A CE  1 
ATOM   229 N NZ  . LYS A 1 29 ? -10.509 15.526  -1.733  1.00 49.24  ? 29  LYS A NZ  1 
ATOM   230 N N   . ASP A 1 30 ? -11.771 11.946  3.976   1.00 17.66  ? 30  ASP A N   1 
ATOM   231 C CA  . ASP A 1 30 ? -13.204 11.617  4.121   1.00 19.16  ? 30  ASP A CA  1 
ATOM   232 C C   . ASP A 1 30 ? -13.776 11.976  5.499   1.00 18.42  ? 30  ASP A C   1 
ATOM   233 O O   . ASP A 1 30 ? -14.921 12.405  5.596   1.00 21.55  ? 30  ASP A O   1 
ATOM   234 C CB  . ASP A 1 30 ? -13.350 10.126  3.858   1.00 19.89  ? 30  ASP A CB  1 
ATOM   235 C CG  . ASP A 1 30 ? -13.077 9.755   2.388   1.00 21.09  ? 30  ASP A CG  1 
ATOM   236 O OD1 . ASP A 1 30 ? -12.807 10.610  1.511   1.00 23.44  ? 30  ASP A OD1 1 
ATOM   237 O OD2 . ASP A 1 30 ? -13.189 8.543   2.125   1.00 21.94  ? 30  ASP A OD2 1 
ATOM   238 N N   . GLN A 1 31 ? -12.925 11.821  6.541   1.00 17.98  ? 31  GLN A N   1 
ATOM   239 C CA  . GLN A 1 31 ? -13.340 12.138  7.929   1.00 18.48  ? 31  GLN A CA  1 
ATOM   240 C C   . GLN A 1 31 ? -13.101 13.619  8.242   1.00 20.42  ? 31  GLN A C   1 
ATOM   241 O O   . GLN A 1 31 ? -13.410 14.082  9.372   1.00 19.89  ? 31  GLN A O   1 
ATOM   242 C CB  . GLN A 1 31 ? -12.613 11.182  8.922   1.00 18.81  ? 31  GLN A CB  1 
ATOM   243 C CG  . GLN A 1 31 ? -13.054 9.714   8.788   1.00 20.36  ? 31  GLN A CG  1 
ATOM   244 C CD  . GLN A 1 31 ? -14.568 9.548   8.927   1.00 21.37  ? 31  GLN A CD  1 
ATOM   245 O OE1 . GLN A 1 31 ? -15.233 10.241  9.723   1.00 23.91  ? 31  GLN A OE1 1 
ATOM   246 N NE2 . GLN A 1 31 ? -15.135 8.626   8.121   1.00 24.86  ? 31  GLN A NE2 1 
ATOM   247 N N   . GLN A 1 32 ? -12.573 14.354  7.266   1.00 19.56  ? 32  GLN A N   1 
ATOM   248 C CA  . GLN A 1 32 ? -12.326 15.816  7.333   1.00 21.76  ? 32  GLN A CA  1 
ATOM   249 C C   . GLN A 1 32 ? -11.410 16.280  8.435   1.00 20.90  ? 32  GLN A C   1 
ATOM   250 O O   . GLN A 1 32 ? -11.650 17.297  9.068   1.00 23.65  ? 32  GLN A O   1 
ATOM   251 C CB  . GLN A 1 32 ? -13.660 16.548  7.361   1.00 23.76  ? 32  GLN A CB  1 
ATOM   252 C CG  . GLN A 1 32 ? -14.473 16.220  6.160   1.00 27.17  ? 32  GLN A CG  1 
ATOM   253 C CD  . GLN A 1 32 ? -15.672 17.119  6.250   1.00 35.62  ? 32  GLN A CD  1 
ATOM   254 O OE1 . GLN A 1 32 ? -16.596 16.801  6.952   1.00 40.79  ? 32  GLN A OE1 1 
ATOM   255 N NE2 . GLN A 1 32 ? -15.588 18.302  5.678   1.00 43.74  ? 32  GLN A NE2 1 
ATOM   256 N N   . LEU A 1 33 ? -10.367 15.516  8.726   1.00 20.06  ? 33  LEU A N   1 
ATOM   257 C CA  . LEU A 1 33 ? -9.343  16.012  9.653   1.00 21.92  ? 33  LEU A CA  1 
ATOM   258 C C   . LEU A 1 33 ? -8.453  17.020  8.887   1.00 24.07  ? 33  LEU A C   1 
ATOM   259 O O   . LEU A 1 33 ? -8.171  18.134  9.398   1.00 25.13  ? 33  LEU A O   1 
ATOM   260 C CB  . LEU A 1 33 ? -8.541  14.851  10.251  1.00 20.91  ? 33  LEU A CB  1 
ATOM   261 C CG  . LEU A 1 33 ? -7.546  15.304  11.348  1.00 23.26  ? 33  LEU A CG  1 
ATOM   262 C CD1 . LEU A 1 33 ? -8.231  15.808  12.641  1.00 22.24  ? 33  LEU A CD1 1 
ATOM   263 C CD2 . LEU A 1 33 ? -6.384  14.305  11.622  1.00 23.08  ? 33  LEU A CD2 1 
ATOM   264 O OXT . LEU A 1 33 ? -8.049  16.721  7.737   1.00 24.28  ? 33  LEU A OXT 1 
HETATM 265 O O1  . HEZ B 2 .  ? -0.566  13.327  2.845   1.00 29.74  ? 101 HEZ A O1  1 
HETATM 266 C C1  . HEZ B 2 .  ? -0.648  13.538  4.309   1.00 26.43  ? 101 HEZ A C1  1 
HETATM 267 C C2  . HEZ B 2 .  ? -2.129  13.381  4.719   1.00 25.55  ? 101 HEZ A C2  1 
HETATM 268 C C3  . HEZ B 2 .  ? -2.975  14.600  4.320   1.00 27.37  ? 101 HEZ A C3  1 
HETATM 269 C C4  . HEZ B 2 .  ? -4.459  14.298  4.413   1.00 24.14  ? 101 HEZ A C4  1 
HETATM 270 C C5  . HEZ B 2 .  ? -5.248  15.351  3.678   1.00 30.01  ? 101 HEZ A C5  1 
HETATM 271 C C6  . HEZ B 2 .  ? -6.594  15.291  4.315   1.00 31.65  ? 101 HEZ A C6  1 
HETATM 272 O O6  . HEZ B 2 .  ? -7.474  16.251  3.739   1.00 34.47  ? 101 HEZ A O6  1 
HETATM 273 O O   . HOH C 3 .  ? 0.993   11.129  2.437   1.00 18.55  ? 201 HOH A O   1 
HETATM 274 O O   . HOH C 3 .  ? -6.357  1.569   -0.908  1.00 23.29  ? 202 HOH A O   1 
HETATM 275 O O   . HOH C 3 .  ? -15.088 12.583  11.060  1.00 24.61  ? 203 HOH A O   1 
HETATM 276 O O   . HOH C 3 .  ? -10.164 4.874   3.414   1.00 24.57  ? 204 HOH A O   1 
HETATM 277 O O   . HOH C 3 .  ? -8.424  3.384   -0.480  1.00 22.21  ? 205 HOH A O   1 
HETATM 278 O O   . HOH C 3 .  ? -9.455  19.288  11.495  1.00 23.29  ? 206 HOH A O   1 
HETATM 279 O O   . HOH C 3 .  ? -14.207 12.628  0.485   1.00 28.08  ? 207 HOH A O   1 
HETATM 280 O O   . HOH C 3 .  ? -14.410 6.977   5.882   1.00 26.03  ? 208 HOH A O   1 
HETATM 281 O O   . HOH C 3 .  ? -15.869 7.985   2.099   1.00 23.80  ? 209 HOH A O   1 
HETATM 282 O O   . HOH C 3 .  ? -3.116  -3.242  0.759   1.00 27.35  ? 210 HOH A O   1 
HETATM 283 O O   . HOH C 3 .  ? -12.313 6.588   3.901   1.00 25.15  ? 211 HOH A O   1 
HETATM 284 O O   . HOH C 3 .  ? -6.106  -0.831  3.998   1.00 29.34  ? 212 HOH A O   1 
HETATM 285 O O   . HOH C 3 .  ? -9.398  16.807  5.441   1.00 32.72  ? 213 HOH A O   1 
HETATM 286 O O   . HOH C 3 .  ? 1.198   -4.617  9.031   1.00 33.99  ? 214 HOH A O   1 
HETATM 287 O O   . HOH C 3 .  ? -5.291  -1.563  1.764   1.00 32.70  ? 215 HOH A O   1 
HETATM 288 O O   . HOH C 3 .  ? -11.545 16.856  3.739   1.00 29.87  ? 216 HOH A O   1 
HETATM 289 O O   . HOH C 3 .  ? -3.984  1.406   -4.850  1.00 43.21  ? 217 HOH A O   1 
HETATM 290 O O   . HOH C 3 .  ? 0.838   -4.516  3.679   1.00 32.61  ? 218 HOH A O   1 
HETATM 291 O O   . HOH C 3 .  ? -0.665  0.259   -4.976  1.00 34.33  ? 219 HOH A O   1 
HETATM 292 O O   . HOH C 3 .  ? -16.571 7.443   4.591   1.00 30.30  ? 220 HOH A O   1 
HETATM 293 O O   . HOH C 3 .  ? 3.352   -5.189  2.121   1.00 39.80  ? 221 HOH A O   1 
HETATM 294 O O   . HOH C 3 .  ? -10.238 2.922   1.181   1.00 34.75  ? 222 HOH A O   1 
HETATM 295 O O   . HOH C 3 .  ? -4.017  10.401  -1.592  1.00 35.04  ? 223 HOH A O   1 
HETATM 296 O O   . HOH C 3 .  ? -17.975 7.883   8.080   1.00 36.40  ? 224 HOH A O   1 
HETATM 297 O O   . HOH C 3 .  ? 5.678   -8.501  -8.663  1.00 42.23  ? 225 HOH A O   1 
HETATM 298 O O   . HOH C 3 .  ? 9.003   -9.137  0.678   1.00 42.30  ? 226 HOH A O   1 
HETATM 299 O O   . HOH C 3 .  ? -7.168  -0.779  0.025   1.00 35.26  ? 227 HOH A O   1 
HETATM 300 O O   . HOH C 3 .  ? 10.507  -8.888  -12.521 1.00 50.30  ? 228 HOH A O   1 
HETATM 301 O O   . HOH C 3 .  ? 6.364   -8.808  0.273   1.00 37.63  ? 229 HOH A O   1 
HETATM 302 O O   . HOH C 3 .  ? 0.301   11.189  -1.740  1.00 45.14  ? 230 HOH A O   1 
HETATM 303 O O   . HOH C 3 .  ? -1.965  2.406   -3.989  1.00 32.92  ? 231 HOH A O   1 
HETATM 304 O O   . HOH C 3 .  ? -13.958 15.420  1.725   1.00 44.99  ? 232 HOH A O   1 
HETATM 305 O O   . HOH C 3 .  ? -13.763 12.945  -1.900  1.00 45.18  ? 233 HOH A O   1 
HETATM 306 O O   . HOH C 3 .  ? -7.950  9.364   -3.945  1.00 39.07  ? 234 HOH A O   1 
HETATM 307 O O   . HOH C 3 .  ? 3.489   -6.657  -8.070  1.00 46.40  ? 235 HOH A O   1 
HETATM 308 O O   . HOH C 3 .  ? 9.005   -18.480 -12.854 1.00 56.98  ? 236 HOH A O   1 
HETATM 309 O O   . HOH C 3 .  ? -6.454  11.219  -0.777  1.00 39.94  ? 237 HOH A O   1 
HETATM 310 O O   . HOH C 3 .  ? -5.759  12.951  1.400   1.00 41.24  ? 238 HOH A O   1 
HETATM 311 O O   . HOH C 3 .  ? -18.674 9.127   5.473   1.00 45.26  ? 239 HOH A O   1 
HETATM 312 O O   . HOH C 3 .  ? -6.907  8.511   -5.554  1.00 43.22  ? 240 HOH A O   1 
HETATM 313 O O   . HOH C 3 .  ? -13.857 4.234   3.593   1.00 48.08  ? 241 HOH A O   1 
HETATM 314 O O   . HOH C 3 .  ? -18.867 18.760  7.449   1.00 57.93  ? 242 HOH A O   1 
HETATM 315 O O   . HOH C 3 .  ? -19.929 17.417  9.760   1.00 56.59  ? 243 HOH A O   1 
HETATM 316 O O   . HOH C 3 .  ? -10.079 0.689   2.433   1.00 44.73  ? 244 HOH A O   1 
HETATM 317 O O   . HOH C 3 .  ? -6.768  -2.849  -1.587  1.00 46.78  ? 245 HOH A O   1 
HETATM 318 O O   . HOH C 3 .  ? -2.727  13.195  0.509   1.00 48.47  ? 246 HOH A O   1 
HETATM 319 O O   . HOH C 3 .  ? -3.772  -4.245  -1.390  1.00 52.83  ? 247 HOH A O   1 
# 
loop_
_atom_site_anisotrop.id 
_atom_site_anisotrop.type_symbol 
_atom_site_anisotrop.pdbx_label_atom_id 
_atom_site_anisotrop.pdbx_label_alt_id 
_atom_site_anisotrop.pdbx_label_comp_id 
_atom_site_anisotrop.pdbx_label_asym_id 
_atom_site_anisotrop.pdbx_label_seq_id 
_atom_site_anisotrop.pdbx_PDB_ins_code 
_atom_site_anisotrop.U[1][1] 
_atom_site_anisotrop.U[2][2] 
_atom_site_anisotrop.U[3][3] 
_atom_site_anisotrop.U[1][2] 
_atom_site_anisotrop.U[1][3] 
_atom_site_anisotrop.U[2][3] 
_atom_site_anisotrop.pdbx_auth_seq_id 
_atom_site_anisotrop.pdbx_auth_comp_id 
_atom_site_anisotrop.pdbx_auth_asym_id 
_atom_site_anisotrop.pdbx_auth_atom_id 
1   N N   . GLN A 3  ? 0.8174 0.8400 1.1097 -0.0323 0.0809  -0.0943 3  GLN A N   
2   C CA  . GLN A 3  ? 0.7686 0.7800 1.0114 -0.0260 0.0721  -0.0663 3  GLN A CA  
3   C C   . GLN A 3  ? 0.7186 0.7208 0.9507 -0.0256 0.0757  -0.0574 3  GLN A C   
4   O O   . GLN A 3  ? 0.7134 0.7252 0.9697 -0.0306 0.0770  -0.0735 3  GLN A O   
5   C CB  . GLN A 3  ? 0.7286 0.7601 0.9453 -0.0219 0.0478  -0.0658 3  GLN A CB  
6   C CG  . GLN A 3  ? 0.7817 0.8170 0.9942 -0.0193 0.0441  -0.0651 3  GLN A CG  
7   C CD  . GLN A 3  ? 0.8121 0.8720 1.0378 -0.0162 0.0328  -0.0873 3  GLN A CD  
8   O OE1 . GLN A 3  ? 0.7742 0.8517 0.9934 -0.0106 0.0202  -0.0974 3  GLN A OE1 
9   N NE2 . GLN A 3  ? 0.8585 0.9202 1.0991 -0.0163 0.0368  -0.0948 3  GLN A NE2 
10  N N   . GLN A 4  ? 0.7250 0.7106 0.9225 -0.0180 0.0765  -0.0343 4  GLN A N   
11  C CA  . GLN A 4  ? 0.6436 0.6264 0.8195 -0.0147 0.0710  -0.0248 4  GLN A CA  
12  C C   . GLN A 4  ? 0.5182 0.5223 0.6773 -0.0156 0.0466  -0.0272 4  GLN A C   
13  O O   . GLN A 4  ? 0.5844 0.5930 0.7310 -0.0127 0.0379  -0.0226 4  GLN A O   
14  C CB  . GLN A 4  ? 0.7168 0.6776 0.8628 -0.0010 0.0797  -0.0038 4  GLN A CB  
15  C CG  . GLN A 4  ? 0.9842 0.9166 1.1376 0.0051  0.1097  0.0045  4  GLN A CG  
16  C CD  . GLN A 4  ? 1.1873 1.0955 1.3252 0.0207  0.1281  0.0198  4  GLN A CD  
17  O OE1 . GLN A 4  ? 1.3234 1.2047 1.4403 0.0380  0.1489  0.0366  4  GLN A OE1 
18  N NE2 . GLN A 4  ? 1.2399 1.1562 1.3852 0.0175  0.1222  0.0148  4  GLN A NE2 
19  N N   . HIS A 5  ? 0.3430 0.3584 0.5041 -0.0187 0.0386  -0.0346 5  HIS A N   
20  C CA  . HIS A 5  ? 0.2945 0.3246 0.4382 -0.0167 0.0214  -0.0338 5  HIS A CA  
21  C C   . HIS A 5  ? 0.2624 0.2873 0.3912 -0.0156 0.0186  -0.0251 5  HIS A C   
22  O O   . HIS A 5  ? 0.2749 0.3059 0.4072 -0.0172 0.0162  -0.0314 5  HIS A O   
23  C CB  . HIS A 5  ? 0.2536 0.3033 0.4074 -0.0155 0.0136  -0.0511 5  HIS A CB  
24  C CG  . HIS A 5  ? 0.2560 0.3153 0.4248 -0.0139 0.0135  -0.0639 5  HIS A CG  
25  N ND1 . HIS A 5  ? 0.2610 0.3211 0.4170 -0.0102 0.0100  -0.0573 5  HIS A ND1 
26  C CD2 . HIS A 5  ? 0.2791 0.3498 0.4799 -0.0154 0.0169  -0.0865 5  HIS A CD2 
27  C CE1 . HIS A 5  ? 0.2459 0.3157 0.4199 -0.0087 0.0105  -0.0727 5  HIS A CE1 
28  N NE2 . HIS A 5  ? 0.2757 0.3541 0.4793 -0.0116 0.0138  -0.0927 5  HIS A NE2 
29  N N   . LEU A 6  ? 0.2490 0.2651 0.3628 -0.0111 0.0179  -0.0136 6  LEU A N   
30  C CA  . LEU A 6  ? 0.2633 0.2749 0.3639 -0.0074 0.0152  -0.0074 6  LEU A CA  
31  C C   . LEU A 6  ? 0.2696 0.2922 0.3674 -0.0104 0.0048  -0.0099 6  LEU A C   
32  O O   . LEU A 6  ? 0.2533 0.2747 0.3462 -0.0102 0.0033  -0.0087 6  LEU A O   
33  C CB  . LEU A 6  ? 0.2693 0.2753 0.3559 0.0030  0.0130  -0.0004 6  LEU A CB  
34  C CG  . LEU A 6  ? 0.2795 0.2840 0.3510 0.0122  0.0076  0.0028  6  LEU A CG  
35  C CD1 . LEU A 6  ? 0.3146 0.3043 0.3809 0.0147  0.0209  0.0083  6  LEU A CD1 
36  C CD2 . LEU A 6  ? 0.3158 0.3206 0.3735 0.0288  0.0025  0.0040  6  LEU A CD2 
37  N N   . LEU A 7  ? 0.2182 0.2486 0.3180 -0.0115 0.0007  -0.0116 7  LEU A N   
38  C CA  . LEU A 7  ? 0.2475 0.2823 0.3436 -0.0114 -0.0023 -0.0112 7  LEU A CA  
39  C C   . LEU A 7  ? 0.2456 0.2853 0.3394 -0.0104 -0.0028 -0.0166 7  LEU A C   
40  O O   . LEU A 7  ? 0.2802 0.3197 0.3679 -0.0094 -0.0044 -0.0148 7  LEU A O   
41  C CB  . LEU A 7  ? 0.2494 0.2861 0.3476 -0.0096 0.0000  -0.0095 7  LEU A CB  
42  C CG  . LEU A 7  ? 0.2518 0.2868 0.3450 -0.0059 0.0045  -0.0059 7  LEU A CG  
43  C CD1 . LEU A 7  ? 0.2732 0.3053 0.3730 -0.0095 0.0039  -0.0049 7  LEU A CD1 
44  C CD2 . LEU A 7  ? 0.2733 0.3049 0.3703 -0.0023 0.0136  -0.0018 7  LEU A CD2 
45  N N   . GLN A 8  ? 0.2379 0.2842 0.3394 -0.0094 -0.0021 -0.0261 8  GLN A N   
46  C CA  . GLN A 8  ? 0.2667 0.3235 0.3721 -0.0061 -0.0050 -0.0380 8  GLN A CA  
47  C C   . GLN A 8  ? 0.2775 0.3286 0.3910 -0.0121 -0.0016 -0.0384 8  GLN A C   
48  O O   . GLN A 8  ? 0.2766 0.3337 0.3881 -0.0100 -0.0050 -0.0434 8  GLN A O   
49  C CB  . GLN A 8  ? 0.3031 0.3722 0.4257 -0.0039 -0.0057 -0.0547 8  GLN A CB  
50  C CG  . GLN A 8  ? 0.3505 0.4274 0.4617 0.0063  -0.0095 -0.0561 8  GLN A CG  
51  C CD  . GLN A 8  ? 0.5452 0.6385 0.6776 0.0099  -0.0123 -0.0783 8  GLN A CD  
52  O OE1 . GLN A 8  ? 0.6334 0.7357 0.7944 0.0053  -0.0115 -0.0968 8  GLN A OE1 
53  N NE2 . GLN A 8  ? 0.5206 0.6185 0.6438 0.0185  -0.0143 -0.0787 8  GLN A NE2 
54  N N   . LEU A 9  ? 0.2712 0.3094 0.3913 -0.0168 0.0069  -0.0328 9  LEU A N   
55  C CA  . LEU A 9  ? 0.2896 0.3173 0.4137 -0.0190 0.0151  -0.0302 9  LEU A CA  
56  C C   . LEU A 9  ? 0.2846 0.3096 0.3890 -0.0166 0.0084  -0.0207 9  LEU A C   
57  O O   . LEU A 9  ? 0.2689 0.2927 0.3737 -0.0173 0.0099  -0.0217 9  LEU A O   
58  C CB  . LEU A 9  ? 0.3346 0.3447 0.4601 -0.0173 0.0289  -0.0216 9  LEU A CB  
59  C CG  . LEU A 9  ? 0.5017 0.4954 0.6425 -0.0176 0.0495  -0.0210 9  LEU A CG  
60  C CD1 . LEU A 9  ? 0.5249 0.5118 0.6791 -0.0177 0.0604  -0.0223 9  LEU A CD1 
61  C CD2 . LEU A 9  ? 0.4954 0.4708 0.6102 -0.0073 0.0557  -0.0041 9  LEU A CD2 
62  N N   . THR A 10 ? 0.2482 0.2736 0.3403 -0.0141 0.0018  -0.0139 10 THR A N   
63  C CA  . THR A 10 ? 0.2562 0.2805 0.3379 -0.0121 -0.0037 -0.0089 10 THR A CA  
64  C C   . THR A 10 ? 0.2589 0.2900 0.3390 -0.0131 -0.0072 -0.0117 10 THR A C   
65  O O   . THR A 10 ? 0.2611 0.2908 0.3365 -0.0129 -0.0091 -0.0100 10 THR A O   
66  C CB  . THR A 10 ? 0.2512 0.2767 0.3319 -0.0094 -0.0083 -0.0068 10 THR A CB  
67  O OG1 . THR A 10 ? 0.2931 0.3126 0.3698 -0.0035 -0.0057 -0.0044 10 THR A OG1 
68  C CG2 . THR A 10 ? 0.2892 0.3171 0.3693 -0.0077 -0.0140 -0.0080 10 THR A CG2 
69  N N   . VAL A 11 ? 0.2721 0.3101 0.3528 -0.0108 -0.0076 -0.0154 11 VAL A N   
70  C CA  . VAL A 11 ? 0.2770 0.3204 0.3487 -0.0044 -0.0092 -0.0171 11 VAL A CA  
71  C C   . VAL A 11 ? 0.2993 0.3492 0.3755 -0.0046 -0.0118 -0.0263 11 VAL A C   
72  O O   . VAL A 11 ? 0.2913 0.3414 0.3603 -0.0022 -0.0135 -0.0251 11 VAL A O   
73  C CB  . VAL A 11 ? 0.2915 0.3416 0.3569 0.0052  -0.0088 -0.0204 11 VAL A CB  
74  C CG1 . VAL A 11 ? 0.3402 0.3984 0.3908 0.0194  -0.0115 -0.0253 11 VAL A CG1 
75  C CG2 . VAL A 11 ? 0.2967 0.3372 0.3592 0.0059  -0.0018 -0.0096 11 VAL A CG2 
76  N N   . TRP A 12 ? 0.2614 0.3150 0.3545 -0.0086 -0.0097 -0.0359 12 TRP A N   
77  C CA  . TRP A 12 ? 0.2675 0.3262 0.3756 -0.0110 -0.0080 -0.0472 12 TRP A CA  
78  C C   . TRP A 12 ? 0.2894 0.3348 0.3926 -0.0155 -0.0034 -0.0370 12 TRP A C   
79  O O   . TRP A 12 ? 0.2650 0.3143 0.3686 -0.0147 -0.0052 -0.0411 12 TRP A O   
80  C CB  . TRP A 12 ? 0.3235 0.3860 0.4606 -0.0155 -0.0009 -0.0611 12 TRP A CB  
81  C CG  . TRP A 12 ? 0.3627 0.4292 0.5282 -0.0199 0.0063  -0.0759 12 TRP A CG  
82  C CD1 . TRP A 12 ? 0.3996 0.4888 0.5867 -0.0160 -0.0004 -0.1006 12 TRP A CD1 
83  C CD2 . TRP A 12 ? 0.4113 0.4580 0.5877 -0.0266 0.0236  -0.0677 12 TRP A CD2 
84  N NE1 . TRP A 12 ? 0.4252 0.5110 0.6430 -0.0235 0.0119  -0.1102 12 TRP A NE1 
85  C CE2 . TRP A 12 ? 0.4287 0.4865 0.6406 -0.0300 0.0292  -0.0892 12 TRP A CE2 
86  C CE3 . TRP A 12 ? 0.4811 0.5030 0.6407 -0.0263 0.0356  -0.0466 12 TRP A CE3 
87  C CZ2 . TRP A 12 ? 0.4742 0.5141 0.7046 -0.0353 0.0501  -0.0859 12 TRP A CZ2 
88  C CZ3 . TRP A 12 ? 0.5263 0.5297 0.6969 -0.0272 0.0558  -0.0419 12 TRP A CZ3 
89  C CH2 . TRP A 12 ? 0.5076 0.5179 0.7137 -0.0329 0.0648  -0.0596 12 TRP A CH2 
90  N N   . GLY A 13 ? 0.2601 0.2912 0.3554 -0.0169 0.0014  -0.0244 13 GLY A N   
91  C CA  . GLY A 13 ? 0.2570 0.2768 0.3420 -0.0154 0.0045  -0.0155 13 GLY A CA  
92  C C   . GLY A 13 ? 0.2831 0.3076 0.3560 -0.0141 -0.0050 -0.0132 13 GLY A C   
93  O O   . GLY A 13 ? 0.2697 0.2906 0.3381 -0.0134 -0.0045 -0.0114 13 GLY A O   
94  N N   . LEU A 14 ? 0.2573 0.2868 0.3263 -0.0131 -0.0105 -0.0121 14 LEU A N   
95  C CA  . LEU A 14 ? 0.2573 0.2878 0.3200 -0.0114 -0.0135 -0.0095 14 LEU A CA  
96  C C   . LEU A 14 ? 0.2619 0.2978 0.3209 -0.0086 -0.0147 -0.0139 14 LEU A C   
97  O O   . LEU A 14 ? 0.2465 0.2797 0.3007 -0.0085 -0.0157 -0.0117 14 LEU A O   
98  C CB  . LEU A 14 ? 0.2865 0.3165 0.3500 -0.0094 -0.0112 -0.0064 14 LEU A CB  
99  C CG  . LEU A 14 ? 0.3565 0.3819 0.4173 -0.0062 -0.0065 -0.0024 14 LEU A CG  
100 C CD1 . LEU A 14 ? 0.4092 0.4328 0.4790 -0.0109 -0.0096 -0.0042 14 LEU A CD1 
101 C CD2 . LEU A 14 ? 0.3848 0.4046 0.4494 -0.0027 0.0035  0.0024  14 LEU A CD2 
102 N N   . LYS A 15 ? 0.2644 0.3100 0.3275 -0.0050 -0.0156 -0.0229 15 LYS A N   
103 C CA  . LYS A 15 ? 0.2708 0.3278 0.3331 0.0016  -0.0195 -0.0331 15 LYS A CA  
104 C C   . LYS A 15 ? 0.2567 0.3127 0.3314 -0.0053 -0.0176 -0.0377 15 LYS A C   
105 O O   . LYS A 15 ? 0.2476 0.3069 0.3169 -0.0019 -0.0204 -0.0395 15 LYS A O   
106 C CB  . LYS A 15 ? 0.3349 0.4086 0.4032 0.0105  -0.0240 -0.0486 15 LYS A CB  
107 C CG  . LYS A 15 ? 0.4504 0.5232 0.4948 0.0251  -0.0241 -0.0409 15 LYS A CG  
108 C CD  . LYS A 15 ? 0.5471 0.6362 0.5920 0.0379  -0.0293 -0.0551 15 LYS A CD  
109 C CE  . LYS A 15 ? 0.5904 0.6698 0.6124 0.0497  -0.0232 -0.0413 15 LYS A CE  
110 N NZ  . LYS A 15 ? 0.6436 0.7385 0.6660 0.0619  -0.0287 -0.0552 15 LYS A NZ  
111 N N   . GLN A 16 ? 0.2361 0.2832 0.3234 -0.0129 -0.0099 -0.0361 16 GLN A N   
112 C CA  . GLN A 16 ? 0.2404 0.2813 0.3384 -0.0169 -0.0020 -0.0376 16 GLN A CA  
113 C C   . GLN A 16 ? 0.2389 0.2703 0.3168 -0.0154 -0.0044 -0.0251 16 GLN A C   
114 O O   . GLN A 16 ? 0.2480 0.2793 0.3268 -0.0155 -0.0035 -0.0269 16 GLN A O   
115 C CB  . GLN A 16 ? 0.2980 0.3251 0.4099 -0.0205 0.0134  -0.0349 16 GLN A CB  
116 C CG  . GLN A 16 ? 0.3385 0.3732 0.4759 -0.0236 0.0182  -0.0480 16 GLN A CG  
117 C CD  . GLN A 16 ? 0.4346 0.4935 0.5953 -0.0227 0.0102  -0.0721 16 GLN A CD  
118 O OE1 . GLN A 16 ? 0.4760 0.5395 0.6615 -0.0257 0.0167  -0.0852 16 GLN A OE1 
119 N NE2 . GLN A 16 ? 0.4478 0.5235 0.6002 -0.0156 -0.0035 -0.0799 16 GLN A NE2 
120 N N   . ILE A 17 ? 0.2229 0.2482 0.2863 -0.0135 -0.0083 -0.0151 17 ILE A N   
121 C CA  . ILE A 17 ? 0.2146 0.2350 0.2659 -0.0110 -0.0120 -0.0091 17 ILE A CA  
122 C C   . ILE A 17 ? 0.2185 0.2447 0.2664 -0.0106 -0.0171 -0.0107 17 ILE A C   
123 O O   . ILE A 17 ? 0.1999 0.2240 0.2433 -0.0100 -0.0182 -0.0096 17 ILE A O   
124 C CB  . ILE A 17 ? 0.2519 0.2694 0.2971 -0.0073 -0.0163 -0.0052 17 ILE A CB  
125 C CG1 . ILE A 17 ? 0.3382 0.3472 0.3771 -0.0007 -0.0109 -0.0012 17 ILE A CG1 
126 C CG2 . ILE A 17 ? 0.3488 0.3659 0.3874 -0.0027 -0.0219 -0.0055 17 ILE A CG2 
127 C CD1 . ILE A 17 ? 0.4542 0.4516 0.4839 0.0058  -0.0011 0.0038  17 ILE A CD1 
128 N N   . GLN A 18 ? 0.2190 0.2511 0.2663 -0.0082 -0.0182 -0.0126 18 GLN A N   
129 C CA  . GLN A 18 ? 0.2347 0.2685 0.2732 -0.0023 -0.0189 -0.0116 18 GLN A CA  
130 C C   . GLN A 18 ? 0.2280 0.2692 0.2671 -0.0003 -0.0217 -0.0191 18 GLN A C   
131 O O   . GLN A 18 ? 0.2141 0.2532 0.2460 0.0022  -0.0223 -0.0168 18 GLN A O   
132 C CB  . GLN A 18 ? 0.2807 0.3190 0.3118 0.0073  -0.0175 -0.0124 18 GLN A CB  
133 C CG  . GLN A 18 ? 0.4121 0.4406 0.4432 0.0071  -0.0106 -0.0037 18 GLN A CG  
134 C CD  . GLN A 18 ? 0.5678 0.5961 0.5843 0.0220  -0.0048 -0.0005 18 GLN A CD  
135 O OE1 . GLN A 18 ? 0.7468 0.7635 0.7527 0.0316  0.0063  0.0088  18 GLN A OE1 
136 N NE2 . GLN A 18 ? 0.4633 0.5031 0.4787 0.0267  -0.0102 -0.0086 18 GLN A NE2 
137 N N   . ALA A 19 ? 0.1919 0.2426 0.2448 -0.0016 -0.0221 -0.0305 19 ALA A N   
138 C CA  . ALA A 19 ? 0.1895 0.2495 0.2530 -0.0008 -0.0233 -0.0423 19 ALA A CA  
139 C C   . ALA A 19 ? 0.1690 0.2177 0.2342 -0.0076 -0.0178 -0.0358 19 ALA A C   
140 O O   . ALA A 19 ? 0.1774 0.2300 0.2425 -0.0057 -0.0196 -0.0399 19 ALA A O   
141 C CB  . ALA A 19 ? 0.2082 0.2814 0.2991 -0.0026 -0.0215 -0.0608 19 ALA A CB  
142 N N   . ARG A 20 ? 0.1807 0.2154 0.2440 -0.0120 -0.0116 -0.0261 20 ARG A N   
143 C CA  . ARG A 20 ? 0.1842 0.2078 0.2412 -0.0120 -0.0068 -0.0193 20 ARG A CA  
144 C C   . ARG A 20 ? 0.1606 0.1835 0.2015 -0.0092 -0.0149 -0.0139 20 ARG A C   
145 O O   . ARG A 20 ? 0.1792 0.2004 0.2175 -0.0084 -0.0141 -0.0137 20 ARG A O   
146 C CB  . ARG A 20 ? 0.2044 0.2133 0.2542 -0.0090 0.0014  -0.0097 20 ARG A CB  
147 C CG  . ARG A 20 ? 0.2340 0.2366 0.3024 -0.0113 0.0169  -0.0128 20 ARG A CG  
148 C CD  . ARG A 20 ? 0.2701 0.2570 0.3253 -0.0038 0.0255  -0.0015 20 ARG A CD  
149 N NE  . ARG A 20 ? 0.2940 0.2668 0.3265 0.0084  0.0312  0.0093  20 ARG A NE  
150 C CZ  . ARG A 20 ? 0.3173 0.2741 0.3300 0.0232  0.0409  0.0203  20 ARG A CZ  
151 N NH1 . ARG A 20 ? 0.3688 0.3227 0.3849 0.0241  0.0449  0.0218  20 ARG A NH1 
152 N NH2 . ARG A 20 ? 0.3376 0.2818 0.3245 0.0404  0.0466  0.0296  20 ARG A NH2 
153 N N   . ILE A 21 ? 0.1639 0.1877 0.1992 -0.0082 -0.0202 -0.0108 21 ILE A N   
154 C CA  . ILE A 21 ? 0.1703 0.1920 0.2001 -0.0068 -0.0235 -0.0082 21 ILE A CA  
155 C C   . ILE A 21 ? 0.1815 0.2073 0.2073 -0.0036 -0.0236 -0.0100 21 ILE A C   
156 O O   . ILE A 21 ? 0.1734 0.1968 0.1952 -0.0028 -0.0245 -0.0091 21 ILE A O   
157 C CB  . ILE A 21 ? 0.2008 0.2206 0.2357 -0.0072 -0.0238 -0.0069 21 ILE A CB  
158 C CG1 . ILE A 21 ? 0.2443 0.2613 0.2839 -0.0070 -0.0239 -0.0082 21 ILE A CG1 
159 C CG2 . ILE A 21 ? 0.2901 0.3100 0.3258 -0.0055 -0.0192 -0.0047 21 ILE A CG2 
160 C CD1 . ILE A 21 ? 0.3088 0.3270 0.3446 -0.0049 -0.0298 -0.0115 21 ILE A CD1 
161 N N   . LEU A 22 ? 0.1668 0.2002 0.1915 0.0012  -0.0238 -0.0139 22 LEU A N   
162 C CA  . LEU A 22 ? 0.1820 0.2225 0.1985 0.0108  -0.0258 -0.0181 22 LEU A CA  
163 C C   . LEU A 22 ? 0.1773 0.2243 0.2016 0.0082  -0.0283 -0.0263 22 LEU A C   
164 O O   . LEU A 22 ? 0.1834 0.2309 0.2001 0.0129  -0.0297 -0.0260 22 LEU A O   
165 C CB  . LEU A 22 ? 0.1948 0.2478 0.2091 0.0211  -0.0286 -0.0265 22 LEU A CB  
166 C CG  . LEU A 22 ? 0.1970 0.2623 0.1978 0.0392  -0.0335 -0.0344 22 LEU A CG  
167 C CD1 . LEU A 22 ? 0.2305 0.2799 0.2075 0.0500  -0.0255 -0.0187 22 LEU A CD1 
168 C CD2 . LEU A 22 ? 0.2165 0.2987 0.2170 0.0521  -0.0392 -0.0475 22 LEU A CD2 
169 N N   . ALA A 23 ? 0.1585 0.2074 0.1999 0.0005  -0.0253 -0.0325 23 ALA A N   
170 C CA  . ALA A 23 ? 0.1628 0.2132 0.2170 -0.0031 -0.0216 -0.0388 23 ALA A CA  
171 C C   . ALA A 23 ? 0.1717 0.2098 0.2122 -0.0042 -0.0205 -0.0278 23 ALA A C   
172 O O   . ALA A 23 ? 0.1807 0.2219 0.2225 -0.0029 -0.0210 -0.0315 23 ALA A O   
173 C CB  . ALA A 23 ? 0.1587 0.2057 0.2362 -0.0100 -0.0105 -0.0442 23 ALA A CB  
174 N N   . VAL A 24 ? 0.1669 0.1939 0.1968 -0.0052 -0.0203 -0.0173 24 VAL A N   
175 C CA  . VAL A 24 ? 0.1770 0.1966 0.1962 -0.0035 -0.0220 -0.0118 24 VAL A CA  
176 C C   . VAL A 24 ? 0.1698 0.1916 0.1836 -0.0014 -0.0265 -0.0113 24 VAL A C   
177 O O   . VAL A 24 ? 0.1896 0.2101 0.1998 -0.0002 -0.0272 -0.0114 24 VAL A O   
178 C CB  . VAL A 24 ? 0.1867 0.2004 0.2004 -0.0013 -0.0237 -0.0075 24 VAL A CB  
179 C CG1 . VAL A 24 ? 0.1923 0.2048 0.2000 0.0027  -0.0295 -0.0082 24 VAL A CG1 
180 C CG2 . VAL A 24 ? 0.2215 0.2272 0.2317 0.0026  -0.0156 -0.0039 24 VAL A CG2 
181 N N   . GLU A 25 ? 0.1644 0.1871 0.1773 0.0008  -0.0263 -0.0098 25 GLU A N   
182 C CA  . GLU A 25 ? 0.1838 0.2031 0.1900 0.0064  -0.0240 -0.0066 25 GLU A CA  
183 C C   . GLU A 25 ? 0.1787 0.2052 0.1775 0.0131  -0.0263 -0.0106 25 GLU A C   
184 O O   . GLU A 25 ? 0.2050 0.2271 0.1985 0.0155  -0.0251 -0.0083 25 GLU A O   
185 C CB  . GLU A 25 ? 0.1753 0.1906 0.1785 0.0119  -0.0179 -0.0020 25 GLU A CB  
186 C CG  . GLU A 25 ? 0.1951 0.2036 0.2120 0.0050  -0.0142 -0.0003 25 GLU A CG  
187 C CD  . GLU A 25 ? 0.2156 0.2194 0.2313 0.0099  -0.0059 0.0046  25 GLU A CD  
188 O OE1 . GLU A 25 ? 0.2591 0.2685 0.2599 0.0199  -0.0067 0.0052  25 GLU A OE1 
189 O OE2 . GLU A 25 ? 0.2364 0.2341 0.2677 0.0052  0.0003  0.0051  25 GLU A OE2 
190 N N   . ARG A 26 ? 0.1730 0.2126 0.1760 0.0160  -0.0299 -0.0200 26 ARG A N   
191 C CA  . ARG A 26 ? 0.1841 0.2370 0.1875 0.0237  -0.0344 -0.0308 26 ARG A CA  
192 C C   . ARG A 26 ? 0.1844 0.2359 0.1971 0.0159  -0.0335 -0.0332 26 ARG A C   
193 O O   . ARG A 26 ? 0.2070 0.2630 0.2150 0.0219  -0.0360 -0.0366 26 ARG A O   
194 C CB  . ARG A 26 ? 0.1728 0.2450 0.1892 0.0291  -0.0394 -0.0477 26 ARG A CB  
195 C CG  . ARG A 26 ? 0.1813 0.2588 0.1798 0.0460  -0.0422 -0.0476 26 ARG A CG  
196 C CD  . ARG A 26 ? 0.1921 0.2895 0.2094 0.0484  -0.0481 -0.0667 26 ARG A CD  
197 N NE  . ARG A 26 ? 0.2124 0.3180 0.2067 0.0714  -0.0524 -0.0687 26 ARG A NE  
198 C CZ  . ARG A 26 ? 0.2181 0.3427 0.2225 0.0794  -0.0594 -0.0861 26 ARG A CZ  
199 N NH1 . ARG A 26 ? 0.1996 0.3328 0.2412 0.0620  -0.0594 -0.1004 26 ARG A NH1 
200 N NH2 . ARG A 26 ? 0.2446 0.3771 0.2215 0.1063  -0.0637 -0.0880 26 ARG A NH2 
201 N N   . TYR A 27 ? 0.1714 0.2153 0.1944 0.0057  -0.0285 -0.0306 27 TYR A N   
202 C CA  . TYR A 27 ? 0.1761 0.2144 0.2042 0.0014  -0.0233 -0.0300 27 TYR A CA  
203 C C   . TYR A 27 ? 0.1857 0.2165 0.1977 0.0039  -0.0266 -0.0220 27 TYR A C   
204 O O   . TYR A 27 ? 0.1787 0.2106 0.1908 0.0049  -0.0261 -0.0243 27 TYR A O   
205 C CB  . TYR A 27 ? 0.2021 0.2286 0.2344 -0.0029 -0.0142 -0.0243 27 TYR A CB  
206 C CG  . TYR A 27 ? 0.2068 0.2236 0.2417 -0.0027 -0.0032 -0.0218 27 TYR A CG  
207 C CD1 . TYR A 27 ? 0.2280 0.2479 0.2905 -0.0065 0.0092  -0.0321 27 TYR A CD1 
208 C CD2 . TYR A 27 ? 0.2251 0.2299 0.2393 0.0030  -0.0032 -0.0115 27 TYR A CD2 
209 C CE1 . TYR A 27 ? 0.2539 0.2619 0.3225 -0.0058 0.0248  -0.0292 27 TYR A CE1 
210 C CE2 . TYR A 27 ? 0.2398 0.2336 0.2530 0.0069  0.0100  -0.0078 27 TYR A CE2 
211 C CZ  . TYR A 27 ? 0.2558 0.2490 0.2959 0.0020  0.0259  -0.0147 27 TYR A CZ  
212 O OH  . TYR A 27 ? 0.2846 0.2622 0.3268 0.0064  0.0454  -0.0093 27 TYR A OH  
213 N N   . LEU A 28 ? 0.1798 0.2032 0.1832 0.0041  -0.0287 -0.0148 28 LEU A N   
214 C CA  . LEU A 28 ? 0.1837 0.2012 0.1809 0.0055  -0.0302 -0.0115 28 LEU A CA  
215 C C   . LEU A 28 ? 0.2149 0.2346 0.2065 0.0112  -0.0300 -0.0118 28 LEU A C   
216 O O   . LEU A 28 ? 0.2463 0.2639 0.2346 0.0122  -0.0305 -0.0116 28 LEU A O   
217 C CB  . LEU A 28 ? 0.1924 0.2045 0.1940 0.0041  -0.0304 -0.0097 28 LEU A CB  
218 C CG  . LEU A 28 ? 0.2000 0.2121 0.2027 0.0037  -0.0335 -0.0114 28 LEU A CG  
219 C CD1 . LEU A 28 ? 0.2221 0.2346 0.2367 0.0024  -0.0350 -0.0150 28 LEU A CD1 
220 C CD2 . LEU A 28 ? 0.2510 0.2619 0.2460 0.0086  -0.0362 -0.0129 28 LEU A CD2 
221 N N   . LYS A 29 ? 0.2050 0.2290 0.1919 0.0182  -0.0290 -0.0119 29 LYS A N   
222 C CA  . LYS A 29 ? 0.2369 0.2633 0.2108 0.0313  -0.0282 -0.0118 29 LYS A CA  
223 C C   . LYS A 29 ? 0.2324 0.2729 0.2105 0.0332  -0.0346 -0.0231 29 LYS A C   
224 O O   . LYS A 29 ? 0.2416 0.2814 0.2127 0.0383  -0.0350 -0.0227 29 LYS A O   
225 C CB  . LYS A 29 ? 0.2443 0.2732 0.2066 0.0447  -0.0262 -0.0105 29 LYS A CB  
226 C CG  . LYS A 29 ? 0.2897 0.3209 0.2300 0.0667  -0.0250 -0.0100 29 LYS A CG  
227 C CD  . LYS A 29 ? 0.3802 0.4170 0.3040 0.0860  -0.0244 -0.0107 29 LYS A CD  
228 C CE  . LYS A 29 ? 0.4685 0.5120 0.3661 0.1138  -0.0263 -0.0133 29 LYS A CE  
229 N NZ  . LYS A 29 ? 0.6613 0.6813 0.5281 0.1364  -0.0080 0.0062  29 LYS A NZ  
230 N N   . ASP A 30 ? 0.2081 0.2610 0.2021 0.0287  -0.0376 -0.0343 30 ASP A N   
231 C CA  . ASP A 30 ? 0.2164 0.2852 0.2263 0.0298  -0.0407 -0.0502 30 ASP A CA  
232 C C   . ASP A 30 ? 0.2084 0.2685 0.2233 0.0212  -0.0361 -0.0463 30 ASP A C   
233 O O   . ASP A 30 ? 0.2432 0.3122 0.2632 0.0252  -0.0382 -0.0550 30 ASP A O   
234 C CB  . ASP A 30 ? 0.2127 0.2937 0.2491 0.0243  -0.0396 -0.0644 30 ASP A CB  
235 C CG  . ASP A 30 ? 0.2239 0.3204 0.2569 0.0370  -0.0473 -0.0745 30 ASP A CG  
236 O OD1 . ASP A 30 ? 0.2629 0.3593 0.2685 0.0535  -0.0517 -0.0685 30 ASP A OD1 
237 O OD2 . ASP A 30 ? 0.2220 0.3305 0.2813 0.0324  -0.0468 -0.0892 30 ASP A OD2 
238 N N   . GLN A 31 ? 0.2095 0.2531 0.2203 0.0126  -0.0305 -0.0341 31 GLN A N   
239 C CA  . GLN A 31 ? 0.2198 0.2536 0.2286 0.0093  -0.0258 -0.0293 31 GLN A CA  
240 C C   . GLN A 31 ? 0.2521 0.2793 0.2445 0.0129  -0.0303 -0.0224 31 GLN A C   
241 O O   . GLN A 31 ? 0.2491 0.2698 0.2368 0.0126  -0.0288 -0.0196 31 GLN A O   
242 C CB  . GLN A 31 ? 0.2283 0.2497 0.2368 0.0059  -0.0180 -0.0222 31 GLN A CB  
243 C CG  . GLN A 31 ? 0.2402 0.2631 0.2703 0.0019  -0.0066 -0.0284 31 GLN A CG  
244 C CD  . GLN A 31 ? 0.2432 0.2725 0.2965 0.0000  0.0015  -0.0397 31 GLN A CD  
245 O OE1 . GLN A 31 ? 0.2791 0.3034 0.3259 0.0021  0.0041  -0.0367 31 GLN A OE1 
246 N NE2 . GLN A 31 ? 0.2721 0.3150 0.3576 -0.0038 0.0057  -0.0565 31 GLN A NE2 
247 N N   . GLN A 32 ? 0.2439 0.2711 0.2283 0.0178  -0.0331 -0.0198 32 GLN A N   
248 C CA  . GLN A 32 ? 0.2776 0.2961 0.2532 0.0215  -0.0320 -0.0139 32 GLN A CA  
249 C C   . GLN A 32 ? 0.2683 0.2776 0.2479 0.0161  -0.0318 -0.0116 32 GLN A C   
250 O O   . GLN A 32 ? 0.3048 0.3102 0.2839 0.0170  -0.0317 -0.0120 32 GLN A O   
251 C CB  . GLN A 32 ? 0.3031 0.3264 0.2733 0.0277  -0.0335 -0.0171 32 GLN A CB  
252 C CG  . GLN A 32 ? 0.3425 0.3801 0.3098 0.0385  -0.0368 -0.0249 32 GLN A CG  
253 C CD  . GLN A 32 ? 0.4499 0.4924 0.4111 0.0467  -0.0391 -0.0287 32 GLN A CD  
254 O OE1 . GLN A 32 ? 0.5086 0.5589 0.4823 0.0414  -0.0409 -0.0369 32 GLN A OE1 
255 N NE2 . GLN A 32 ? 0.5618 0.5955 0.5046 0.0594  -0.0354 -0.0207 32 GLN A NE2 
256 N N   . LEU A 33 ? 0.2562 0.2648 0.2413 0.0123  -0.0329 -0.0122 33 LEU A N   
257 C CA  . LEU A 33 ? 0.2782 0.2840 0.2708 0.0112  -0.0357 -0.0162 33 LEU A CA  
258 C C   . LEU A 33 ? 0.3027 0.3023 0.3095 0.0096  -0.0291 -0.0166 33 LEU A C   
259 O O   . LEU A 33 ? 0.3127 0.3093 0.3329 0.0091  -0.0274 -0.0225 33 LEU A O   
260 C CB  . LEU A 33 ? 0.2647 0.2733 0.2564 0.0121  -0.0396 -0.0183 33 LEU A CB  
261 C CG  . LEU A 33 ? 0.2909 0.3035 0.2895 0.0170  -0.0471 -0.0287 33 LEU A CG  
262 C CD1 . LEU A 33 ? 0.2813 0.2951 0.2688 0.0254  -0.0520 -0.0325 33 LEU A CD1 
263 C CD2 . LEU A 33 ? 0.2868 0.3039 0.2862 0.0214  -0.0518 -0.0329 33 LEU A CD2 
264 O OXT . LEU A 33 ? 0.3064 0.3026 0.3133 0.0100  -0.0228 -0.0112 33 LEU A OXT 
# 
loop_
_pdbx_poly_seq_scheme.asym_id 
_pdbx_poly_seq_scheme.entity_id 
_pdbx_poly_seq_scheme.seq_id 
_pdbx_poly_seq_scheme.mon_id 
_pdbx_poly_seq_scheme.ndb_seq_num 
_pdbx_poly_seq_scheme.pdb_seq_num 
_pdbx_poly_seq_scheme.auth_seq_num 
_pdbx_poly_seq_scheme.pdb_mon_id 
_pdbx_poly_seq_scheme.auth_mon_id 
_pdbx_poly_seq_scheme.pdb_strand_id 
_pdbx_poly_seq_scheme.pdb_ins_code 
_pdbx_poly_seq_scheme.hetero 
A 1 1  GLU 1  1  ?  ?   ?   A . n 
A 1 2  ALA 2  2  ?  ?   ?   A . n 
A 1 3  GLN 3  3  3  GLN GLN A . n 
A 1 4  GLN 4  4  4  GLN GLN A . n 
A 1 5  HIS 5  5  5  HIS HIS A . n 
A 1 6  LEU 6  6  6  LEU LEU A . n 
A 1 7  LEU 7  7  7  LEU LEU A . n 
A 1 8  GLN 8  8  8  GLN GLN A . n 
A 1 9  LEU 9  9  9  LEU LEU A . n 
A 1 10 THR 10 10 10 THR THR A . n 
A 1 11 VAL 11 11 11 VAL VAL A . n 
A 1 12 TRP 12 12 12 TRP TRP A . n 
A 1 13 GLY 13 13 13 GLY GLY A . n 
A 1 14 LEU 14 14 14 LEU LEU A . n 
A 1 15 LYS 15 15 15 LYS LYS A . n 
A 1 16 GLN 16 16 16 GLN GLN A . n 
A 1 17 ILE 17 17 17 ILE ILE A . n 
A 1 18 GLN 18 18 18 GLN GLN A . n 
A 1 19 ALA 19 19 19 ALA ALA A . n 
A 1 20 ARG 20 20 20 ARG ARG A . n 
A 1 21 ILE 21 21 21 ILE ILE A . n 
A 1 22 LEU 22 22 22 LEU LEU A . n 
A 1 23 ALA 23 23 23 ALA ALA A . n 
A 1 24 VAL 24 24 24 VAL VAL A . n 
A 1 25 GLU 25 25 25 GLU GLU A . n 
A 1 26 ARG 26 26 26 ARG ARG A . n 
A 1 27 TYR 27 27 27 TYR TYR A . n 
A 1 28 LEU 28 28 28 LEU LEU A . n 
A 1 29 LYS 29 29 29 LYS LYS A . n 
A 1 30 ASP 30 30 30 ASP ASP A . n 
A 1 31 GLN 31 31 31 GLN GLN A . n 
A 1 32 GLN 32 32 32 GLN GLN A . n 
A 1 33 LEU 33 33 33 LEU LEU A . n 
# 
loop_
_pdbx_nonpoly_scheme.asym_id 
_pdbx_nonpoly_scheme.entity_id 
_pdbx_nonpoly_scheme.mon_id 
_pdbx_nonpoly_scheme.ndb_seq_num 
_pdbx_nonpoly_scheme.pdb_seq_num 
_pdbx_nonpoly_scheme.auth_seq_num 
_pdbx_nonpoly_scheme.pdb_mon_id 
_pdbx_nonpoly_scheme.auth_mon_id 
_pdbx_nonpoly_scheme.pdb_strand_id 
_pdbx_nonpoly_scheme.pdb_ins_code 
B 2 HEZ 1  101 1  HEZ HEZ A . 
C 3 HOH 1  201 1  HOH HOH A . 
C 3 HOH 2  202 2  HOH HOH A . 
C 3 HOH 3  203 3  HOH HOH A . 
C 3 HOH 4  204 4  HOH HOH A . 
C 3 HOH 5  205 5  HOH HOH A . 
C 3 HOH 6  206 6  HOH HOH A . 
C 3 HOH 7  207 7  HOH HOH A . 
C 3 HOH 8  208 8  HOH HOH A . 
C 3 HOH 9  209 9  HOH HOH A . 
C 3 HOH 10 210 10 HOH HOH A . 
C 3 HOH 11 211 11 HOH HOH A . 
C 3 HOH 12 212 12 HOH HOH A . 
C 3 HOH 13 213 13 HOH HOH A . 
C 3 HOH 14 214 14 HOH HOH A . 
C 3 HOH 15 215 15 HOH HOH A . 
C 3 HOH 16 216 16 HOH HOH A . 
C 3 HOH 17 217 17 HOH HOH A . 
C 3 HOH 18 218 18 HOH HOH A . 
C 3 HOH 19 219 19 HOH HOH A . 
C 3 HOH 20 220 20 HOH HOH A . 
C 3 HOH 21 221 21 HOH HOH A . 
C 3 HOH 22 222 22 HOH HOH A . 
C 3 HOH 23 223 23 HOH HOH A . 
C 3 HOH 24 224 24 HOH HOH A . 
C 3 HOH 25 225 25 HOH HOH A . 
C 3 HOH 26 226 26 HOH HOH A . 
C 3 HOH 27 227 27 HOH HOH A . 
C 3 HOH 28 228 28 HOH HOH A . 
C 3 HOH 29 229 29 HOH HOH A . 
C 3 HOH 30 230 30 HOH HOH A . 
C 3 HOH 31 231 31 HOH HOH A . 
C 3 HOH 32 232 32 HOH HOH A . 
C 3 HOH 33 233 33 HOH HOH A . 
C 3 HOH 34 234 34 HOH HOH A . 
C 3 HOH 35 235 35 HOH HOH A . 
C 3 HOH 36 236 36 HOH HOH A . 
C 3 HOH 37 237 37 HOH HOH A . 
C 3 HOH 38 238 38 HOH HOH A . 
C 3 HOH 39 239 39 HOH HOH A . 
C 3 HOH 40 240 40 HOH HOH A . 
C 3 HOH 41 241 41 HOH HOH A . 
C 3 HOH 42 242 42 HOH HOH A . 
C 3 HOH 43 243 43 HOH HOH A . 
C 3 HOH 44 244 44 HOH HOH A . 
C 3 HOH 45 245 45 HOH HOH A . 
C 3 HOH 46 246 46 HOH HOH A . 
C 3 HOH 47 247 47 HOH HOH A . 
# 
_pdbx_struct_assembly.id                   1 
_pdbx_struct_assembly.details              author_and_software_defined_assembly 
_pdbx_struct_assembly.method_details       PISA 
_pdbx_struct_assembly.oligomeric_details   trimeric 
_pdbx_struct_assembly.oligomeric_count     3 
# 
_pdbx_struct_assembly_gen.assembly_id       1 
_pdbx_struct_assembly_gen.oper_expression   1,2,3 
_pdbx_struct_assembly_gen.asym_id_list      A,B,C 
# 
loop_
_pdbx_struct_assembly_prop.biol_id 
_pdbx_struct_assembly_prop.type 
_pdbx_struct_assembly_prop.value 
_pdbx_struct_assembly_prop.details 
1 'ABSA (A^2)' 3380 ? 
1 MORE         -29  ? 
1 'SSA (A^2)'  7900 ? 
# 
loop_
_pdbx_struct_oper_list.id 
_pdbx_struct_oper_list.type 
_pdbx_struct_oper_list.name 
_pdbx_struct_oper_list.symmetry_operation 
_pdbx_struct_oper_list.matrix[1][1] 
_pdbx_struct_oper_list.matrix[1][2] 
_pdbx_struct_oper_list.matrix[1][3] 
_pdbx_struct_oper_list.vector[1] 
_pdbx_struct_oper_list.matrix[2][1] 
_pdbx_struct_oper_list.matrix[2][2] 
_pdbx_struct_oper_list.matrix[2][3] 
_pdbx_struct_oper_list.vector[2] 
_pdbx_struct_oper_list.matrix[3][1] 
_pdbx_struct_oper_list.matrix[3][2] 
_pdbx_struct_oper_list.matrix[3][3] 
_pdbx_struct_oper_list.vector[3] 
1 'identity operation'         1_555 x,y,z       1.0000000000 0.0000000000  0.0000000000  0.0000000000 0.0000000000  1.0000000000  0.0000000000  0.0000000000  0.0000000000  0.0000000000  1.0000000000  0.0000000000 
2 'crystal symmetry operation' 2_565 -y,x-y+1,z  0.1548720023 -0.9875973067 -0.0258112887 6.0619208098 -0.1068617894 -0.0427195280 0.9933557268  -0.5004645165 -0.9821380865 -0.1510847499 -0.1121524743 8.4203657326 
3 'crystal symmetry operation' 3_455 -x+y-1,-x,z 0.1548720023 -0.1068617894 -0.9821380865 7.2776595411 -0.9875973067 -0.0427195280 -0.1510847499 7.2375459083  -0.0258112887 0.9933557268  -0.1121524743 1.5979701336 
# 
loop_
_pdbx_audit_revision_history.ordinal 
_pdbx_audit_revision_history.data_content_type 
_pdbx_audit_revision_history.major_revision 
_pdbx_audit_revision_history.minor_revision 
_pdbx_audit_revision_history.revision_date 
1 'Structure model' 1 0 2013-10-30 
2 'Structure model' 1 1 2023-09-20 
# 
_pdbx_audit_revision_details.ordinal             1 
_pdbx_audit_revision_details.revision_ordinal    1 
_pdbx_audit_revision_details.data_content_type   'Structure model' 
_pdbx_audit_revision_details.provider            repository 
_pdbx_audit_revision_details.type                'Initial release' 
_pdbx_audit_revision_details.description         ? 
_pdbx_audit_revision_details.details             ? 
# 
loop_
_pdbx_audit_revision_group.ordinal 
_pdbx_audit_revision_group.revision_ordinal 
_pdbx_audit_revision_group.data_content_type 
_pdbx_audit_revision_group.group 
1 2 'Structure model' 'Data collection'        
2 2 'Structure model' 'Database references'    
3 2 'Structure model' 'Derived calculations'   
4 2 'Structure model' 'Refinement description' 
# 
loop_
_pdbx_audit_revision_category.ordinal 
_pdbx_audit_revision_category.revision_ordinal 
_pdbx_audit_revision_category.data_content_type 
_pdbx_audit_revision_category.category 
1 2 'Structure model' chem_comp_atom                
2 2 'Structure model' chem_comp_bond                
3 2 'Structure model' database_2                    
4 2 'Structure model' pdbx_initial_refinement_model 
5 2 'Structure model' struct_ref_seq_dif            
6 2 'Structure model' struct_site                   
# 
loop_
_pdbx_audit_revision_item.ordinal 
_pdbx_audit_revision_item.revision_ordinal 
_pdbx_audit_revision_item.data_content_type 
_pdbx_audit_revision_item.item 
1 2 'Structure model' '_database_2.pdbx_DOI'                
2 2 'Structure model' '_database_2.pdbx_database_accession' 
3 2 'Structure model' '_struct_ref_seq_dif.details'         
4 2 'Structure model' '_struct_site.pdbx_auth_asym_id'      
5 2 'Structure model' '_struct_site.pdbx_auth_comp_id'      
6 2 'Structure model' '_struct_site.pdbx_auth_seq_id'       
# 
_pdbx_refine_tls.pdbx_refine_id   'X-RAY DIFFRACTION' 
_pdbx_refine_tls.id               1 
_pdbx_refine_tls.details          ? 
_pdbx_refine_tls.method           refined 
_pdbx_refine_tls.origin_x         -0.1640 
_pdbx_refine_tls.origin_y         -0.1662 
_pdbx_refine_tls.origin_z         -0.1136 
_pdbx_refine_tls.T[1][1]          0.0130 
_pdbx_refine_tls.T[2][2]          0.0503 
_pdbx_refine_tls.T[3][3]          0.0712 
_pdbx_refine_tls.T[1][2]          -0.0102 
_pdbx_refine_tls.T[1][3]          -0.0159 
_pdbx_refine_tls.T[2][3]          -0.0223 
_pdbx_refine_tls.L[1][1]          3.5773 
_pdbx_refine_tls.L[2][2]          3.4925 
_pdbx_refine_tls.L[3][3]          1.4829 
_pdbx_refine_tls.L[1][2]          -3.3899 
_pdbx_refine_tls.L[1][3]          -2.0925 
_pdbx_refine_tls.L[2][3]          2.0719 
_pdbx_refine_tls.S[1][1]          -0.0140 
_pdbx_refine_tls.S[1][2]          0.1997 
_pdbx_refine_tls.S[1][3]          -0.2673 
_pdbx_refine_tls.S[2][1]          0.0253 
_pdbx_refine_tls.S[2][2]          -0.1730 
_pdbx_refine_tls.S[2][3]          0.1619 
_pdbx_refine_tls.S[3][1]          -0.0107 
_pdbx_refine_tls.S[3][2]          -0.1363 
_pdbx_refine_tls.S[3][3]          0.1870 
# 
_pdbx_refine_tls_group.pdbx_refine_id      'X-RAY DIFFRACTION' 
_pdbx_refine_tls_group.id                  1 
_pdbx_refine_tls_group.refine_tls_id       1 
_pdbx_refine_tls_group.beg_auth_asym_id    A 
_pdbx_refine_tls_group.beg_auth_seq_id     3 
_pdbx_refine_tls_group.beg_label_asym_id   ? 
_pdbx_refine_tls_group.beg_label_seq_id    ? 
_pdbx_refine_tls_group.end_auth_asym_id    A 
_pdbx_refine_tls_group.end_auth_seq_id     33 
_pdbx_refine_tls_group.end_label_asym_id   ? 
_pdbx_refine_tls_group.end_label_seq_id    ? 
_pdbx_refine_tls_group.selection           ? 
_pdbx_refine_tls_group.selection_details   ? 
# 
loop_
_software.name 
_software.classification 
_software.version 
_software.citation_id 
_software.pdbx_ordinal 
HKL-2000 'data collection' .        ? 1 
PHASER   phasing           .        ? 2 
REFMAC   refinement        5.6.0117 ? 3 
HKL-2000 'data reduction'  .        ? 4 
HKL-2000 'data scaling'    .        ? 5 
# 
_pdbx_validate_close_contact.id               1 
_pdbx_validate_close_contact.PDB_model_num    1 
_pdbx_validate_close_contact.auth_atom_id_1   O 
_pdbx_validate_close_contact.auth_asym_id_1   A 
_pdbx_validate_close_contact.auth_comp_id_1   HOH 
_pdbx_validate_close_contact.auth_seq_id_1    234 
_pdbx_validate_close_contact.PDB_ins_code_1   ? 
_pdbx_validate_close_contact.label_alt_id_1   ? 
_pdbx_validate_close_contact.auth_atom_id_2   O 
_pdbx_validate_close_contact.auth_asym_id_2   A 
_pdbx_validate_close_contact.auth_comp_id_2   HOH 
_pdbx_validate_close_contact.auth_seq_id_2    240 
_pdbx_validate_close_contact.PDB_ins_code_2   ? 
_pdbx_validate_close_contact.label_alt_id_2   ? 
_pdbx_validate_close_contact.dist             2.10 
# 
loop_
_pdbx_validate_rmsd_angle.id 
_pdbx_validate_rmsd_angle.PDB_model_num 
_pdbx_validate_rmsd_angle.auth_atom_id_1 
_pdbx_validate_rmsd_angle.auth_asym_id_1 
_pdbx_validate_rmsd_angle.auth_comp_id_1 
_pdbx_validate_rmsd_angle.auth_seq_id_1 
_pdbx_validate_rmsd_angle.PDB_ins_code_1 
_pdbx_validate_rmsd_angle.label_alt_id_1 
_pdbx_validate_rmsd_angle.auth_atom_id_2 
_pdbx_validate_rmsd_angle.auth_asym_id_2 
_pdbx_validate_rmsd_angle.auth_comp_id_2 
_pdbx_validate_rmsd_angle.auth_seq_id_2 
_pdbx_validate_rmsd_angle.PDB_ins_code_2 
_pdbx_validate_rmsd_angle.label_alt_id_2 
_pdbx_validate_rmsd_angle.auth_atom_id_3 
_pdbx_validate_rmsd_angle.auth_asym_id_3 
_pdbx_validate_rmsd_angle.auth_comp_id_3 
_pdbx_validate_rmsd_angle.auth_seq_id_3 
_pdbx_validate_rmsd_angle.PDB_ins_code_3 
_pdbx_validate_rmsd_angle.label_alt_id_3 
_pdbx_validate_rmsd_angle.angle_value 
_pdbx_validate_rmsd_angle.angle_target_value 
_pdbx_validate_rmsd_angle.angle_deviation 
_pdbx_validate_rmsd_angle.angle_standard_deviation 
_pdbx_validate_rmsd_angle.linker_flag 
1 1 CB  A LEU 9  ? ? CG A LEU 9  ? ? CD1 A LEU 9  ? ? 99.25 111.00 -11.75 1.70 N 
2 1 CG1 A ILE 17 ? ? CB A ILE 17 ? ? CG2 A ILE 17 ? ? 96.99 111.40 -14.41 2.20 N 
# 
loop_
_pdbx_unobs_or_zero_occ_residues.id 
_pdbx_unobs_or_zero_occ_residues.PDB_model_num 
_pdbx_unobs_or_zero_occ_residues.polymer_flag 
_pdbx_unobs_or_zero_occ_residues.occupancy_flag 
_pdbx_unobs_or_zero_occ_residues.auth_asym_id 
_pdbx_unobs_or_zero_occ_residues.auth_comp_id 
_pdbx_unobs_or_zero_occ_residues.auth_seq_id 
_pdbx_unobs_or_zero_occ_residues.PDB_ins_code 
_pdbx_unobs_or_zero_occ_residues.label_asym_id 
_pdbx_unobs_or_zero_occ_residues.label_comp_id 
_pdbx_unobs_or_zero_occ_residues.label_seq_id 
1 1 Y 1 A GLU 1 ? A GLU 1 
2 1 Y 1 A ALA 2 ? A ALA 2 
# 
loop_
_chem_comp_atom.comp_id 
_chem_comp_atom.atom_id 
_chem_comp_atom.type_symbol 
_chem_comp_atom.pdbx_aromatic_flag 
_chem_comp_atom.pdbx_stereo_config 
_chem_comp_atom.pdbx_ordinal 
ALA N    N N N 1   
ALA CA   C N S 2   
ALA C    C N N 3   
ALA O    O N N 4   
ALA CB   C N N 5   
ALA OXT  O N N 6   
ALA H    H N N 7   
ALA H2   H N N 8   
ALA HA   H N N 9   
ALA HB1  H N N 10  
ALA HB2  H N N 11  
ALA HB3  H N N 12  
ALA HXT  H N N 13  
ARG N    N N N 14  
ARG CA   C N S 15  
ARG C    C N N 16  
ARG O    O N N 17  
ARG CB   C N N 18  
ARG CG   C N N 19  
ARG CD   C N N 20  
ARG NE   N N N 21  
ARG CZ   C N N 22  
ARG NH1  N N N 23  
ARG NH2  N N N 24  
ARG OXT  O N N 25  
ARG H    H N N 26  
ARG H2   H N N 27  
ARG HA   H N N 28  
ARG HB2  H N N 29  
ARG HB3  H N N 30  
ARG HG2  H N N 31  
ARG HG3  H N N 32  
ARG HD2  H N N 33  
ARG HD3  H N N 34  
ARG HE   H N N 35  
ARG HH11 H N N 36  
ARG HH12 H N N 37  
ARG HH21 H N N 38  
ARG HH22 H N N 39  
ARG HXT  H N N 40  
ASP N    N N N 41  
ASP CA   C N S 42  
ASP C    C N N 43  
ASP O    O N N 44  
ASP CB   C N N 45  
ASP CG   C N N 46  
ASP OD1  O N N 47  
ASP OD2  O N N 48  
ASP OXT  O N N 49  
ASP H    H N N 50  
ASP H2   H N N 51  
ASP HA   H N N 52  
ASP HB2  H N N 53  
ASP HB3  H N N 54  
ASP HD2  H N N 55  
ASP HXT  H N N 56  
GLN N    N N N 57  
GLN CA   C N S 58  
GLN C    C N N 59  
GLN O    O N N 60  
GLN CB   C N N 61  
GLN CG   C N N 62  
GLN CD   C N N 63  
GLN OE1  O N N 64  
GLN NE2  N N N 65  
GLN OXT  O N N 66  
GLN H    H N N 67  
GLN H2   H N N 68  
GLN HA   H N N 69  
GLN HB2  H N N 70  
GLN HB3  H N N 71  
GLN HG2  H N N 72  
GLN HG3  H N N 73  
GLN HE21 H N N 74  
GLN HE22 H N N 75  
GLN HXT  H N N 76  
GLU N    N N N 77  
GLU CA   C N S 78  
GLU C    C N N 79  
GLU O    O N N 80  
GLU CB   C N N 81  
GLU CG   C N N 82  
GLU CD   C N N 83  
GLU OE1  O N N 84  
GLU OE2  O N N 85  
GLU OXT  O N N 86  
GLU H    H N N 87  
GLU H2   H N N 88  
GLU HA   H N N 89  
GLU HB2  H N N 90  
GLU HB3  H N N 91  
GLU HG2  H N N 92  
GLU HG3  H N N 93  
GLU HE2  H N N 94  
GLU HXT  H N N 95  
GLY N    N N N 96  
GLY CA   C N N 97  
GLY C    C N N 98  
GLY O    O N N 99  
GLY OXT  O N N 100 
GLY H    H N N 101 
GLY H2   H N N 102 
GLY HA2  H N N 103 
GLY HA3  H N N 104 
GLY HXT  H N N 105 
HEZ O1   O N N 106 
HEZ C1   C N N 107 
HEZ C2   C N N 108 
HEZ C3   C N N 109 
HEZ C4   C N N 110 
HEZ C5   C N N 111 
HEZ C6   C N N 112 
HEZ O6   O N N 113 
HEZ HO1  H N N 114 
HEZ H11  H N N 115 
HEZ H12  H N N 116 
HEZ H21  H N N 117 
HEZ H22  H N N 118 
HEZ H31  H N N 119 
HEZ H32  H N N 120 
HEZ H41  H N N 121 
HEZ H42  H N N 122 
HEZ H51  H N N 123 
HEZ H52  H N N 124 
HEZ H61  H N N 125 
HEZ H62  H N N 126 
HEZ HO6  H N N 127 
HIS N    N N N 128 
HIS CA   C N S 129 
HIS C    C N N 130 
HIS O    O N N 131 
HIS CB   C N N 132 
HIS CG   C Y N 133 
HIS ND1  N Y N 134 
HIS CD2  C Y N 135 
HIS CE1  C Y N 136 
HIS NE2  N Y N 137 
HIS OXT  O N N 138 
HIS H    H N N 139 
HIS H2   H N N 140 
HIS HA   H N N 141 
HIS HB2  H N N 142 
HIS HB3  H N N 143 
HIS HD1  H N N 144 
HIS HD2  H N N 145 
HIS HE1  H N N 146 
HIS HE2  H N N 147 
HIS HXT  H N N 148 
HOH O    O N N 149 
HOH H1   H N N 150 
HOH H2   H N N 151 
ILE N    N N N 152 
ILE CA   C N S 153 
ILE C    C N N 154 
ILE O    O N N 155 
ILE CB   C N S 156 
ILE CG1  C N N 157 
ILE CG2  C N N 158 
ILE CD1  C N N 159 
ILE OXT  O N N 160 
ILE H    H N N 161 
ILE H2   H N N 162 
ILE HA   H N N 163 
ILE HB   H N N 164 
ILE HG12 H N N 165 
ILE HG13 H N N 166 
ILE HG21 H N N 167 
ILE HG22 H N N 168 
ILE HG23 H N N 169 
ILE HD11 H N N 170 
ILE HD12 H N N 171 
ILE HD13 H N N 172 
ILE HXT  H N N 173 
LEU N    N N N 174 
LEU CA   C N S 175 
LEU C    C N N 176 
LEU O    O N N 177 
LEU CB   C N N 178 
LEU CG   C N N 179 
LEU CD1  C N N 180 
LEU CD2  C N N 181 
LEU OXT  O N N 182 
LEU H    H N N 183 
LEU H2   H N N 184 
LEU HA   H N N 185 
LEU HB2  H N N 186 
LEU HB3  H N N 187 
LEU HG   H N N 188 
LEU HD11 H N N 189 
LEU HD12 H N N 190 
LEU HD13 H N N 191 
LEU HD21 H N N 192 
LEU HD22 H N N 193 
LEU HD23 H N N 194 
LEU HXT  H N N 195 
LYS N    N N N 196 
LYS CA   C N S 197 
LYS C    C N N 198 
LYS O    O N N 199 
LYS CB   C N N 200 
LYS CG   C N N 201 
LYS CD   C N N 202 
LYS CE   C N N 203 
LYS NZ   N N N 204 
LYS OXT  O N N 205 
LYS H    H N N 206 
LYS H2   H N N 207 
LYS HA   H N N 208 
LYS HB2  H N N 209 
LYS HB3  H N N 210 
LYS HG2  H N N 211 
LYS HG3  H N N 212 
LYS HD2  H N N 213 
LYS HD3  H N N 214 
LYS HE2  H N N 215 
LYS HE3  H N N 216 
LYS HZ1  H N N 217 
LYS HZ2  H N N 218 
LYS HZ3  H N N 219 
LYS HXT  H N N 220 
THR N    N N N 221 
THR CA   C N S 222 
THR C    C N N 223 
THR O    O N N 224 
THR CB   C N R 225 
THR OG1  O N N 226 
THR CG2  C N N 227 
THR OXT  O N N 228 
THR H    H N N 229 
THR H2   H N N 230 
THR HA   H N N 231 
THR HB   H N N 232 
THR HG1  H N N 233 
THR HG21 H N N 234 
THR HG22 H N N 235 
THR HG23 H N N 236 
THR HXT  H N N 237 
TRP N    N N N 238 
TRP CA   C N S 239 
TRP C    C N N 240 
TRP O    O N N 241 
TRP CB   C N N 242 
TRP CG   C Y N 243 
TRP CD1  C Y N 244 
TRP CD2  C Y N 245 
TRP NE1  N Y N 246 
TRP CE2  C Y N 247 
TRP CE3  C Y N 248 
TRP CZ2  C Y N 249 
TRP CZ3  C Y N 250 
TRP CH2  C Y N 251 
TRP OXT  O N N 252 
TRP H    H N N 253 
TRP H2   H N N 254 
TRP HA   H N N 255 
TRP HB2  H N N 256 
TRP HB3  H N N 257 
TRP HD1  H N N 258 
TRP HE1  H N N 259 
TRP HE3  H N N 260 
TRP HZ2  H N N 261 
TRP HZ3  H N N 262 
TRP HH2  H N N 263 
TRP HXT  H N N 264 
TYR N    N N N 265 
TYR CA   C N S 266 
TYR C    C N N 267 
TYR O    O N N 268 
TYR CB   C N N 269 
TYR CG   C Y N 270 
TYR CD1  C Y N 271 
TYR CD2  C Y N 272 
TYR CE1  C Y N 273 
TYR CE2  C Y N 274 
TYR CZ   C Y N 275 
TYR OH   O N N 276 
TYR OXT  O N N 277 
TYR H    H N N 278 
TYR H2   H N N 279 
TYR HA   H N N 280 
TYR HB2  H N N 281 
TYR HB3  H N N 282 
TYR HD1  H N N 283 
TYR HD2  H N N 284 
TYR HE1  H N N 285 
TYR HE2  H N N 286 
TYR HH   H N N 287 
TYR HXT  H N N 288 
VAL N    N N N 289 
VAL CA   C N S 290 
VAL C    C N N 291 
VAL O    O N N 292 
VAL CB   C N N 293 
VAL CG1  C N N 294 
VAL CG2  C N N 295 
VAL OXT  O N N 296 
VAL H    H N N 297 
VAL H2   H N N 298 
VAL HA   H N N 299 
VAL HB   H N N 300 
VAL HG11 H N N 301 
VAL HG12 H N N 302 
VAL HG13 H N N 303 
VAL HG21 H N N 304 
VAL HG22 H N N 305 
VAL HG23 H N N 306 
VAL HXT  H N N 307 
# 
loop_
_chem_comp_bond.comp_id 
_chem_comp_bond.atom_id_1 
_chem_comp_bond.atom_id_2 
_chem_comp_bond.value_order 
_chem_comp_bond.pdbx_aromatic_flag 
_chem_comp_bond.pdbx_stereo_config 
_chem_comp_bond.pdbx_ordinal 
ALA N   CA   sing N N 1   
ALA N   H    sing N N 2   
ALA N   H2   sing N N 3   
ALA CA  C    sing N N 4   
ALA CA  CB   sing N N 5   
ALA CA  HA   sing N N 6   
ALA C   O    doub N N 7   
ALA C   OXT  sing N N 8   
ALA CB  HB1  sing N N 9   
ALA CB  HB2  sing N N 10  
ALA CB  HB3  sing N N 11  
ALA OXT HXT  sing N N 12  
ARG N   CA   sing N N 13  
ARG N   H    sing N N 14  
ARG N   H2   sing N N 15  
ARG CA  C    sing N N 16  
ARG CA  CB   sing N N 17  
ARG CA  HA   sing N N 18  
ARG C   O    doub N N 19  
ARG C   OXT  sing N N 20  
ARG CB  CG   sing N N 21  
ARG CB  HB2  sing N N 22  
ARG CB  HB3  sing N N 23  
ARG CG  CD   sing N N 24  
ARG CG  HG2  sing N N 25  
ARG CG  HG3  sing N N 26  
ARG CD  NE   sing N N 27  
ARG CD  HD2  sing N N 28  
ARG CD  HD3  sing N N 29  
ARG NE  CZ   sing N N 30  
ARG NE  HE   sing N N 31  
ARG CZ  NH1  sing N N 32  
ARG CZ  NH2  doub N N 33  
ARG NH1 HH11 sing N N 34  
ARG NH1 HH12 sing N N 35  
ARG NH2 HH21 sing N N 36  
ARG NH2 HH22 sing N N 37  
ARG OXT HXT  sing N N 38  
ASP N   CA   sing N N 39  
ASP N   H    sing N N 40  
ASP N   H2   sing N N 41  
ASP CA  C    sing N N 42  
ASP CA  CB   sing N N 43  
ASP CA  HA   sing N N 44  
ASP C   O    doub N N 45  
ASP C   OXT  sing N N 46  
ASP CB  CG   sing N N 47  
ASP CB  HB2  sing N N 48  
ASP CB  HB3  sing N N 49  
ASP CG  OD1  doub N N 50  
ASP CG  OD2  sing N N 51  
ASP OD2 HD2  sing N N 52  
ASP OXT HXT  sing N N 53  
GLN N   CA   sing N N 54  
GLN N   H    sing N N 55  
GLN N   H2   sing N N 56  
GLN CA  C    sing N N 57  
GLN CA  CB   sing N N 58  
GLN CA  HA   sing N N 59  
GLN C   O    doub N N 60  
GLN C   OXT  sing N N 61  
GLN CB  CG   sing N N 62  
GLN CB  HB2  sing N N 63  
GLN CB  HB3  sing N N 64  
GLN CG  CD   sing N N 65  
GLN CG  HG2  sing N N 66  
GLN CG  HG3  sing N N 67  
GLN CD  OE1  doub N N 68  
GLN CD  NE2  sing N N 69  
GLN NE2 HE21 sing N N 70  
GLN NE2 HE22 sing N N 71  
GLN OXT HXT  sing N N 72  
GLU N   CA   sing N N 73  
GLU N   H    sing N N 74  
GLU N   H2   sing N N 75  
GLU CA  C    sing N N 76  
GLU CA  CB   sing N N 77  
GLU CA  HA   sing N N 78  
GLU C   O    doub N N 79  
GLU C   OXT  sing N N 80  
GLU CB  CG   sing N N 81  
GLU CB  HB2  sing N N 82  
GLU CB  HB3  sing N N 83  
GLU CG  CD   sing N N 84  
GLU CG  HG2  sing N N 85  
GLU CG  HG3  sing N N 86  
GLU CD  OE1  doub N N 87  
GLU CD  OE2  sing N N 88  
GLU OE2 HE2  sing N N 89  
GLU OXT HXT  sing N N 90  
GLY N   CA   sing N N 91  
GLY N   H    sing N N 92  
GLY N   H2   sing N N 93  
GLY CA  C    sing N N 94  
GLY CA  HA2  sing N N 95  
GLY CA  HA3  sing N N 96  
GLY C   O    doub N N 97  
GLY C   OXT  sing N N 98  
GLY OXT HXT  sing N N 99  
HEZ O1  C1   sing N N 100 
HEZ O1  HO1  sing N N 101 
HEZ C1  C2   sing N N 102 
HEZ C1  H11  sing N N 103 
HEZ C1  H12  sing N N 104 
HEZ C2  C3   sing N N 105 
HEZ C2  H21  sing N N 106 
HEZ C2  H22  sing N N 107 
HEZ C3  C4   sing N N 108 
HEZ C3  H31  sing N N 109 
HEZ C3  H32  sing N N 110 
HEZ C4  C5   sing N N 111 
HEZ C4  H41  sing N N 112 
HEZ C4  H42  sing N N 113 
HEZ C5  C6   sing N N 114 
HEZ C5  H51  sing N N 115 
HEZ C5  H52  sing N N 116 
HEZ C6  O6   sing N N 117 
HEZ C6  H61  sing N N 118 
HEZ C6  H62  sing N N 119 
HEZ O6  HO6  sing N N 120 
HIS N   CA   sing N N 121 
HIS N   H    sing N N 122 
HIS N   H2   sing N N 123 
HIS CA  C    sing N N 124 
HIS CA  CB   sing N N 125 
HIS CA  HA   sing N N 126 
HIS C   O    doub N N 127 
HIS C   OXT  sing N N 128 
HIS CB  CG   sing N N 129 
HIS CB  HB2  sing N N 130 
HIS CB  HB3  sing N N 131 
HIS CG  ND1  sing Y N 132 
HIS CG  CD2  doub Y N 133 
HIS ND1 CE1  doub Y N 134 
HIS ND1 HD1  sing N N 135 
HIS CD2 NE2  sing Y N 136 
HIS CD2 HD2  sing N N 137 
HIS CE1 NE2  sing Y N 138 
HIS CE1 HE1  sing N N 139 
HIS NE2 HE2  sing N N 140 
HIS OXT HXT  sing N N 141 
HOH O   H1   sing N N 142 
HOH O   H2   sing N N 143 
ILE N   CA   sing N N 144 
ILE N   H    sing N N 145 
ILE N   H2   sing N N 146 
ILE CA  C    sing N N 147 
ILE CA  CB   sing N N 148 
ILE CA  HA   sing N N 149 
ILE C   O    doub N N 150 
ILE C   OXT  sing N N 151 
ILE CB  CG1  sing N N 152 
ILE CB  CG2  sing N N 153 
ILE CB  HB   sing N N 154 
ILE CG1 CD1  sing N N 155 
ILE CG1 HG12 sing N N 156 
ILE CG1 HG13 sing N N 157 
ILE CG2 HG21 sing N N 158 
ILE CG2 HG22 sing N N 159 
ILE CG2 HG23 sing N N 160 
ILE CD1 HD11 sing N N 161 
ILE CD1 HD12 sing N N 162 
ILE CD1 HD13 sing N N 163 
ILE OXT HXT  sing N N 164 
LEU N   CA   sing N N 165 
LEU N   H    sing N N 166 
LEU N   H2   sing N N 167 
LEU CA  C    sing N N 168 
LEU CA  CB   sing N N 169 
LEU CA  HA   sing N N 170 
LEU C   O    doub N N 171 
LEU C   OXT  sing N N 172 
LEU CB  CG   sing N N 173 
LEU CB  HB2  sing N N 174 
LEU CB  HB3  sing N N 175 
LEU CG  CD1  sing N N 176 
LEU CG  CD2  sing N N 177 
LEU CG  HG   sing N N 178 
LEU CD1 HD11 sing N N 179 
LEU CD1 HD12 sing N N 180 
LEU CD1 HD13 sing N N 181 
LEU CD2 HD21 sing N N 182 
LEU CD2 HD22 sing N N 183 
LEU CD2 HD23 sing N N 184 
LEU OXT HXT  sing N N 185 
LYS N   CA   sing N N 186 
LYS N   H    sing N N 187 
LYS N   H2   sing N N 188 
LYS CA  C    sing N N 189 
LYS CA  CB   sing N N 190 
LYS CA  HA   sing N N 191 
LYS C   O    doub N N 192 
LYS C   OXT  sing N N 193 
LYS CB  CG   sing N N 194 
LYS CB  HB2  sing N N 195 
LYS CB  HB3  sing N N 196 
LYS CG  CD   sing N N 197 
LYS CG  HG2  sing N N 198 
LYS CG  HG3  sing N N 199 
LYS CD  CE   sing N N 200 
LYS CD  HD2  sing N N 201 
LYS CD  HD3  sing N N 202 
LYS CE  NZ   sing N N 203 
LYS CE  HE2  sing N N 204 
LYS CE  HE3  sing N N 205 
LYS NZ  HZ1  sing N N 206 
LYS NZ  HZ2  sing N N 207 
LYS NZ  HZ3  sing N N 208 
LYS OXT HXT  sing N N 209 
THR N   CA   sing N N 210 
THR N   H    sing N N 211 
THR N   H2   sing N N 212 
THR CA  C    sing N N 213 
THR CA  CB   sing N N 214 
THR CA  HA   sing N N 215 
THR C   O    doub N N 216 
THR C   OXT  sing N N 217 
THR CB  OG1  sing N N 218 
THR CB  CG2  sing N N 219 
THR CB  HB   sing N N 220 
THR OG1 HG1  sing N N 221 
THR CG2 HG21 sing N N 222 
THR CG2 HG22 sing N N 223 
THR CG2 HG23 sing N N 224 
THR OXT HXT  sing N N 225 
TRP N   CA   sing N N 226 
TRP N   H    sing N N 227 
TRP N   H2   sing N N 228 
TRP CA  C    sing N N 229 
TRP CA  CB   sing N N 230 
TRP CA  HA   sing N N 231 
TRP C   O    doub N N 232 
TRP C   OXT  sing N N 233 
TRP CB  CG   sing N N 234 
TRP CB  HB2  sing N N 235 
TRP CB  HB3  sing N N 236 
TRP CG  CD1  doub Y N 237 
TRP CG  CD2  sing Y N 238 
TRP CD1 NE1  sing Y N 239 
TRP CD1 HD1  sing N N 240 
TRP CD2 CE2  doub Y N 241 
TRP CD2 CE3  sing Y N 242 
TRP NE1 CE2  sing Y N 243 
TRP NE1 HE1  sing N N 244 
TRP CE2 CZ2  sing Y N 245 
TRP CE3 CZ3  doub Y N 246 
TRP CE3 HE3  sing N N 247 
TRP CZ2 CH2  doub Y N 248 
TRP CZ2 HZ2  sing N N 249 
TRP CZ3 CH2  sing Y N 250 
TRP CZ3 HZ3  sing N N 251 
TRP CH2 HH2  sing N N 252 
TRP OXT HXT  sing N N 253 
TYR N   CA   sing N N 254 
TYR N   H    sing N N 255 
TYR N   H2   sing N N 256 
TYR CA  C    sing N N 257 
TYR CA  CB   sing N N 258 
TYR CA  HA   sing N N 259 
TYR C   O    doub N N 260 
TYR C   OXT  sing N N 261 
TYR CB  CG   sing N N 262 
TYR CB  HB2  sing N N 263 
TYR CB  HB3  sing N N 264 
TYR CG  CD1  doub Y N 265 
TYR CG  CD2  sing Y N 266 
TYR CD1 CE1  sing Y N 267 
TYR CD1 HD1  sing N N 268 
TYR CD2 CE2  doub Y N 269 
TYR CD2 HD2  sing N N 270 
TYR CE1 CZ   doub Y N 271 
TYR CE1 HE1  sing N N 272 
TYR CE2 CZ   sing Y N 273 
TYR CE2 HE2  sing N N 274 
TYR CZ  OH   sing N N 275 
TYR OH  HH   sing N N 276 
TYR OXT HXT  sing N N 277 
VAL N   CA   sing N N 278 
VAL N   H    sing N N 279 
VAL N   H2   sing N N 280 
VAL CA  C    sing N N 281 
VAL CA  CB   sing N N 282 
VAL CA  HA   sing N N 283 
VAL C   O    doub N N 284 
VAL C   OXT  sing N N 285 
VAL CB  CG1  sing N N 286 
VAL CB  CG2  sing N N 287 
VAL CB  HB   sing N N 288 
VAL CG1 HG11 sing N N 289 
VAL CG1 HG12 sing N N 290 
VAL CG1 HG13 sing N N 291 
VAL CG2 HG21 sing N N 292 
VAL CG2 HG22 sing N N 293 
VAL CG2 HG23 sing N N 294 
VAL OXT HXT  sing N N 295 
# 
loop_
_pdbx_entity_nonpoly.entity_id 
_pdbx_entity_nonpoly.name 
_pdbx_entity_nonpoly.comp_id 
2 HEXANE-1,6-DIOL HEZ 
3 water           HOH 
# 
_pdbx_initial_refinement_model.id               1 
_pdbx_initial_refinement_model.entity_id_list   ? 
_pdbx_initial_refinement_model.type             'experimental model' 
_pdbx_initial_refinement_model.source_name      PDB 
_pdbx_initial_refinement_model.accession_code   3U91 
_pdbx_initial_refinement_model.details          'PDB ENTRY 3U91' 
# 
